data_8T2U
#
_entry.id   8T2U
#
_cell.length_a   1.00
_cell.length_b   1.00
_cell.length_c   1.00
_cell.angle_alpha   90.00
_cell.angle_beta   90.00
_cell.angle_gamma   90.00
#
_symmetry.space_group_name_H-M   'P 1'
#
loop_
_entity.id
_entity.type
_entity.pdbx_description
1 polymer 'Integrin alpha-IIb'
2 polymer 'Integrin beta-3'
3 polymer Eptifibatide
4 branched beta-D-mannopyranose-(1-4)-beta-D-mannopyranose-(1-4)-2-acetamido-2-deoxy-beta-D-glucopyranose-(1-4)-2-acetamido-2-deoxy-beta-D-glucopyranose
5 branched beta-D-mannopyranose-(1-6)-beta-D-mannopyranose-(1-4)-2-acetamido-2-deoxy-beta-D-glucopyranose-(1-4)-2-acetamido-2-deoxy-beta-D-glucopyranose
6 branched 2-acetamido-2-deoxy-beta-D-glucopyranose-(1-4)-2-acetamido-2-deoxy-beta-D-glucopyranose
7 non-polymer 2-acetamido-2-deoxy-beta-D-glucopyranose
8 non-polymer 'CALCIUM ION'
9 non-polymer 'MAGNESIUM ION'
10 water water
#
loop_
_entity_poly.entity_id
_entity_poly.type
_entity_poly.pdbx_seq_one_letter_code
_entity_poly.pdbx_strand_id
1 'polypeptide(L)'
;LNLDPVQLTFYAGPNGSQFGFSLDFHKDSHGRVAIVVGAPRTLGPSQEETGGVFLCPWRAEGGQCPSLLFDLRDETRNVG
SQTLQTFKARQGLGASVVSWSDVIVACAPWQHWNVLEKTEEAEKTPVGSCFLAQPESGRRAEYSPCRGNTLSRIYVENDF
SWDKRYCEAGFSSVVTQAGELVLGAPGGYYFLGLLAQAPVADIFSSYRPGILLWHVSSQSLSFDSSNPEYFDGYWGYSVA
VGEFDGDLNTTEYVVGAPTWSWTLGAVEILDSYYQRLHRLRGEQMASYFGHSVAVTDVNGDGRHDLLVGAPLYMESRADR
KLAEVGRVYLFLQPRGPHALGAPSLLLTGTQLYGRFGSAIAPLGDLDRDGYNDIAVAAPYGGPSGRGQVLVFLGQSEGLR
SRPSQVLDSPFPTGSAFGFSLRGAVDIDDNGYPDLIVGAYGANQVAVYRAQPVVKASVQLLVQDSLNPAVKSCVLPQTKT
PVSCFNIQMCVGATGHNIPQKLSLNAELQLDRQKPRQGRRVLLLGSQQAGTTLNLDLGGKHSPICHTTMAFLRDEADFRD
KLSPIVLSLNVSLPPTEAGMAPAVVLHGDTHVQEQTRIVLDCGEDDVCVPQLQLTASVTGSPLLVGADNVLELQMDAANE
GEGAYEAELAVHLPQGAHYMRALSNVEGFERLICNQKKENETRVVLCELGNPMKKNAQIGIAMLVSVGNLEEAGESVSFQ
LQIRSKNSQNPNSKIVLLDVPVRAEAQVELRGNSFPASLVVAAEEGEREQNSLDSWGPKVEHTYELHNNGPGTVNGLHLS
IHLPGQSQPSDLLYILDIQPQGGLQCFPQPPVNPLKVDWGLPIPSPSPIHPAHHKRDRRQIFLPEPEQPSRLQDPVLVSC
DSAPCTVVQCDLQEMARGQRAMVTVLAFLWLPSLYQRPLDQFVLQSHAWFNVSSLPYAVPPLSLPRGEAQVWTQLLRALE
ERAIPIWWVLVGVLGGLLLLTILVLAMWKVGFFKRNRPPLEEDDEEGE
;
A
2 'polypeptide(L)'
;GPNICTTRGVSSCQQCLAVSPMCAWCSDEALPLGSPRCDLKENLLKDNCAPESIEFPVSEARVLEDRPLSDKGSGDSSQV
TQVSPQRIALRLRPDDSKNFSIQVRQVEDYPVDIYYLMDLSYSMKDDLWSIQNLGTKLATQMRKLTSNLRIGFGAFVDKP
VSPYMYISPPEALENPCYDMKTTCLPMFGYKHVLTLTDQVTRFNEEVKKQSVSRNRDAPEGGFDAIMQATVCDEKIGWRN
DASHLLVFTTDAKTHIALDGRLAGIVQPNDGQCHVGSDNHYSASTTMDYPSLGLMTEKLSQKNINLIFAVTENVVNLYQN
YSELIPGTTVGVLSMDSSNVLQLIVDAYGKIRSKVELEVRDLPEELSLSFNATCLNNEVIPGLKSCMGLKIGDTVSFSIE
AKVRGCPQEKEKSFTIKPVGFKDSLIVQVTFDCDCACQAQAEPNSHRCNNGNGTFECGVCRCGPGWLGSQCECSEEDYRP
SQQDECSPREGQPVCSQRGECLCGQCVCHSSDFGKITGKYCECDDFSCVRYKGEMCSGHGQCSCGDCLCDSDWTGYYCNC
TTRTDTCMSSNGLLCSGRGKCECGSCVCIQPGSYGDTCEKCPTCPDACTFKKECVECKKFDRGALHDENTCNRYCRDEIE
SVKELKDTGKDAVNCTYKNEDDCVVRFQYYEDSSGKSILYVVEEPECPKGPDILVVLLSVMGAILLIGLAALLIWKLLIT
IHDRKEFAKFEEERARAKWDTANNPLYKEATSTFTNITYRGT
;
B
3 'polypeptide(L)' (MPT)(HRG)GDWPC(NH2) C
#
# COMPACT_ATOMS: atom_id res chain seq x y z
N PRO A 5 11.02 26.65 -18.33
CA PRO A 5 10.03 25.80 -17.62
C PRO A 5 8.55 26.27 -17.64
N VAL A 6 8.27 27.39 -18.32
CA VAL A 6 6.92 28.04 -18.33
C VAL A 6 5.94 27.13 -19.06
N GLN A 7 6.37 26.47 -20.13
CA GLN A 7 5.46 25.71 -21.04
C GLN A 7 5.14 24.37 -20.38
N LEU A 8 4.61 24.41 -19.15
CA LEU A 8 4.00 23.22 -18.51
C LEU A 8 2.59 23.08 -19.08
N THR A 9 2.49 22.50 -20.27
CA THR A 9 1.26 22.53 -21.10
C THR A 9 0.20 21.67 -20.38
N PHE A 10 -0.95 22.26 -20.12
CA PHE A 10 -2.04 21.62 -19.34
C PHE A 10 -3.12 21.15 -20.29
N TYR A 11 -3.51 19.89 -20.18
CA TYR A 11 -4.69 19.33 -20.86
C TYR A 11 -5.72 19.01 -19.80
N ALA A 12 -6.90 19.58 -19.94
CA ALA A 12 -7.95 19.48 -18.91
C ALA A 12 -8.92 18.38 -19.30
N GLY A 13 -9.61 17.87 -18.29
CA GLY A 13 -10.74 16.95 -18.48
C GLY A 13 -11.87 17.32 -17.54
N PRO A 14 -13.06 16.70 -17.73
CA PRO A 14 -14.19 16.93 -16.82
C PRO A 14 -13.92 16.38 -15.41
N ASN A 15 -14.62 16.89 -14.41
CA ASN A 15 -14.62 16.31 -13.04
C ASN A 15 -15.05 14.83 -13.07
N GLY A 16 -14.54 14.05 -12.11
CA GLY A 16 -14.70 12.59 -12.03
C GLY A 16 -13.89 11.83 -13.07
N SER A 17 -13.56 12.43 -14.21
CA SER A 17 -13.16 11.69 -15.44
C SER A 17 -11.88 10.88 -15.24
N GLN A 18 -11.02 11.22 -14.29
CA GLN A 18 -9.66 10.63 -14.15
C GLN A 18 -8.95 10.87 -15.48
N PHE A 19 -9.04 12.05 -16.06
CA PHE A 19 -8.32 12.38 -17.29
C PHE A 19 -6.81 12.36 -16.98
N GLY A 20 -6.12 11.32 -17.44
CA GLY A 20 -4.65 11.20 -17.33
C GLY A 20 -4.22 9.91 -16.69
N PHE A 21 -5.15 8.98 -16.41
CA PHE A 21 -4.80 7.73 -15.71
C PHE A 21 -3.85 6.91 -16.57
N SER A 22 -4.09 6.90 -17.88
CA SER A 22 -3.18 6.29 -18.88
C SER A 22 -3.02 7.23 -20.05
N LEU A 23 -1.91 7.14 -20.73
CA LEU A 23 -1.64 8.09 -21.82
C LEU A 23 -0.72 7.43 -22.85
N ASP A 24 -0.76 7.93 -24.07
CA ASP A 24 0.13 7.48 -25.17
C ASP A 24 0.09 8.51 -26.29
N PHE A 25 0.75 8.22 -27.40
CA PHE A 25 0.85 9.12 -28.56
C PHE A 25 0.29 8.39 -29.77
N HIS A 26 -0.36 9.12 -30.67
CA HIS A 26 -0.89 8.55 -31.93
C HIS A 26 -0.44 9.40 -33.11
N LYS A 27 -0.04 8.77 -34.19
CA LYS A 27 0.33 9.46 -35.45
C LYS A 27 -0.44 8.80 -36.59
N ASP A 28 -1.61 9.34 -36.92
CA ASP A 28 -2.46 8.81 -38.02
C ASP A 28 -1.67 8.88 -39.33
N SER A 29 -2.15 8.17 -40.36
CA SER A 29 -1.51 8.15 -41.70
C SER A 29 -1.51 9.56 -42.29
N HIS A 30 -2.41 10.44 -41.84
CA HIS A 30 -2.40 11.89 -42.23
C HIS A 30 -1.11 12.54 -41.68
N GLY A 31 -0.65 12.11 -40.50
CA GLY A 31 0.63 12.53 -39.89
C GLY A 31 0.43 13.41 -38.66
N ARG A 32 -0.81 13.76 -38.32
CA ARG A 32 -1.10 14.62 -37.14
C ARG A 32 -0.88 13.80 -35.86
N VAL A 33 0.08 14.22 -35.03
CA VAL A 33 0.35 13.57 -33.71
C VAL A 33 -0.68 14.07 -32.69
N ALA A 34 -1.32 13.14 -31.99
CA ALA A 34 -2.25 13.47 -30.88
C ALA A 34 -1.86 12.71 -29.63
N ILE A 35 -1.99 13.36 -28.48
CA ILE A 35 -1.89 12.68 -27.15
C ILE A 35 -3.20 11.94 -26.97
N VAL A 36 -3.15 10.64 -26.94
CA VAL A 36 -4.35 9.86 -26.59
C VAL A 36 -4.30 9.68 -25.07
N VAL A 37 -5.23 10.30 -24.37
CA VAL A 37 -5.30 10.17 -22.89
C VAL A 37 -6.62 9.52 -22.53
N GLY A 38 -6.53 8.48 -21.75
CA GLY A 38 -7.70 7.76 -21.27
C GLY A 38 -8.15 8.31 -19.95
N ALA A 39 -9.36 8.84 -19.92
CA ALA A 39 -10.08 9.18 -18.69
C ALA A 39 -11.04 8.06 -18.30
N PRO A 40 -10.64 7.07 -17.51
CA PRO A 40 -11.47 5.92 -17.21
C PRO A 40 -12.80 6.20 -16.51
N ARG A 41 -13.10 7.45 -16.19
CA ARG A 41 -14.39 7.81 -15.53
C ARG A 41 -15.06 8.99 -16.25
N THR A 42 -14.85 9.13 -17.56
CA THR A 42 -15.43 10.23 -18.36
C THR A 42 -16.95 10.08 -18.35
N LEU A 43 -17.67 11.19 -18.19
CA LEU A 43 -19.15 11.16 -18.26
C LEU A 43 -19.56 11.06 -19.72
N GLY A 44 -20.15 9.93 -20.11
CA GLY A 44 -20.72 9.73 -21.45
C GLY A 44 -22.02 10.50 -21.65
N PRO A 45 -22.63 10.43 -22.85
CA PRO A 45 -23.94 11.06 -23.08
C PRO A 45 -25.06 10.46 -22.23
N SER A 46 -24.87 9.26 -21.66
CA SER A 46 -25.81 8.59 -20.73
C SER A 46 -25.51 8.93 -19.26
N GLN A 47 -24.99 10.13 -18.98
CA GLN A 47 -24.63 10.64 -17.62
C GLN A 47 -23.99 9.53 -16.77
N GLU A 48 -23.15 8.69 -17.38
CA GLU A 48 -22.49 7.56 -16.67
C GLU A 48 -20.98 7.65 -16.92
N GLU A 49 -20.19 7.47 -15.86
CA GLU A 49 -18.70 7.43 -15.97
C GLU A 49 -18.29 6.05 -16.48
N THR A 50 -17.88 5.95 -17.74
CA THR A 50 -17.47 4.68 -18.40
C THR A 50 -16.01 4.75 -18.82
N GLY A 51 -15.62 5.86 -19.44
CA GLY A 51 -14.26 6.06 -19.91
C GLY A 51 -14.27 6.88 -21.17
N GLY A 52 -13.18 7.59 -21.38
CA GLY A 52 -13.08 8.41 -22.57
C GLY A 52 -11.68 8.45 -23.09
N VAL A 53 -11.53 8.11 -24.34
CA VAL A 53 -10.21 8.16 -24.98
C VAL A 53 -10.15 9.52 -25.66
N PHE A 54 -9.81 10.50 -24.89
CA PHE A 54 -9.61 11.87 -25.42
C PHE A 54 -8.43 11.88 -26.39
N LEU A 55 -8.75 11.98 -27.67
CA LEU A 55 -7.76 12.22 -28.74
C LEU A 55 -7.38 13.70 -28.69
N CYS A 56 -6.59 14.08 -27.71
CA CYS A 56 -6.17 15.48 -27.54
C CYS A 56 -5.20 15.88 -28.65
N PRO A 57 -5.58 16.79 -29.58
CA PRO A 57 -4.60 17.28 -30.55
C PRO A 57 -3.59 18.16 -29.81
N TRP A 58 -2.39 18.26 -30.35
CA TRP A 58 -1.33 19.07 -29.71
C TRP A 58 -1.68 20.55 -29.80
N ARG A 59 -2.21 21.10 -28.71
CA ARG A 59 -2.52 22.54 -28.54
C ARG A 59 -1.68 23.07 -27.38
N ALA A 60 -1.06 24.24 -27.54
CA ALA A 60 -0.17 24.86 -26.53
C ALA A 60 -0.95 25.05 -25.21
N GLU A 61 -2.15 25.62 -25.28
CA GLU A 61 -3.02 25.89 -24.10
C GLU A 61 -3.69 24.61 -23.60
N GLY A 62 -3.86 23.59 -24.45
CA GLY A 62 -4.60 22.36 -24.07
C GLY A 62 -6.03 22.67 -23.70
N GLY A 63 -6.54 22.07 -22.64
CA GLY A 63 -7.94 22.24 -22.18
C GLY A 63 -8.78 20.99 -22.41
N GLN A 64 -10.10 21.15 -22.54
CA GLN A 64 -11.02 20.02 -22.84
C GLN A 64 -10.65 19.44 -24.20
N CYS A 65 -10.64 18.12 -24.31
CA CYS A 65 -10.29 17.43 -25.57
C CYS A 65 -11.56 16.91 -26.25
N PRO A 66 -11.57 16.82 -27.61
CA PRO A 66 -12.69 16.19 -28.31
C PRO A 66 -12.71 14.68 -28.08
N SER A 67 -13.60 14.19 -27.21
CA SER A 67 -13.78 12.74 -26.92
C SER A 67 -14.01 12.02 -28.25
N LEU A 68 -13.01 11.25 -28.70
CA LEU A 68 -13.08 10.45 -29.93
C LEU A 68 -14.28 9.50 -29.81
N LEU A 69 -15.10 9.46 -30.86
CA LEU A 69 -16.40 8.77 -30.76
C LEU A 69 -16.13 7.28 -30.74
N PHE A 70 -16.16 6.70 -29.54
CA PHE A 70 -16.10 5.25 -29.32
C PHE A 70 -17.49 4.76 -28.94
N ASP A 71 -17.86 3.60 -29.45
CA ASP A 71 -19.20 3.03 -29.22
C ASP A 71 -19.34 2.76 -27.73
N LEU A 72 -20.11 3.60 -27.03
CA LEU A 72 -20.31 3.45 -25.57
C LEU A 72 -21.58 2.64 -25.28
N ARG A 73 -22.48 2.48 -26.25
CA ARG A 73 -23.75 1.72 -26.00
C ARG A 73 -23.40 0.24 -25.79
N ASP A 74 -24.05 -0.41 -24.83
CA ASP A 74 -23.79 -1.85 -24.55
C ASP A 74 -24.46 -2.68 -25.64
N GLU A 75 -23.71 -3.61 -26.25
CA GLU A 75 -24.24 -4.46 -27.34
C GLU A 75 -24.90 -5.70 -26.73
N THR A 76 -26.19 -5.88 -26.96
CA THR A 76 -26.94 -7.08 -26.49
C THR A 76 -27.12 -8.01 -27.69
N ARG A 77 -26.02 -8.42 -28.32
CA ARG A 77 -26.05 -9.21 -29.58
C ARG A 77 -26.55 -10.63 -29.28
N ASN A 78 -27.27 -11.20 -30.24
CA ASN A 78 -27.80 -12.59 -30.13
C ASN A 78 -27.15 -13.45 -31.22
N VAL A 79 -26.61 -14.60 -30.83
CA VAL A 79 -25.99 -15.59 -31.78
C VAL A 79 -25.91 -16.94 -31.07
N GLY A 80 -26.26 -18.02 -31.78
CA GLY A 80 -26.18 -19.41 -31.31
C GLY A 80 -26.85 -19.62 -29.95
N SER A 81 -28.08 -19.14 -29.79
CA SER A 81 -28.86 -19.29 -28.52
C SER A 81 -28.08 -18.67 -27.36
N GLN A 82 -27.24 -17.69 -27.64
CA GLN A 82 -26.44 -16.97 -26.61
C GLN A 82 -26.58 -15.46 -26.82
N THR A 83 -26.45 -14.70 -25.75
CA THR A 83 -26.48 -13.22 -25.78
C THR A 83 -25.12 -12.71 -25.32
N LEU A 84 -24.37 -12.11 -26.24
CA LEU A 84 -23.10 -11.42 -25.91
C LEU A 84 -23.49 -10.03 -25.40
N GLN A 85 -23.18 -9.74 -24.14
CA GLN A 85 -23.42 -8.43 -23.49
C GLN A 85 -22.06 -7.82 -23.13
N THR A 86 -21.82 -6.59 -23.56
CA THR A 86 -20.57 -5.91 -23.21
C THR A 86 -20.88 -4.78 -22.21
N PHE A 87 -20.95 -5.12 -20.92
CA PHE A 87 -21.21 -4.13 -19.87
C PHE A 87 -20.10 -3.08 -19.92
N LYS A 88 -20.41 -1.89 -20.40
CA LYS A 88 -19.48 -0.74 -20.39
C LYS A 88 -19.71 0.19 -19.19
N ALA A 89 -20.62 -0.16 -18.26
CA ALA A 89 -20.81 0.55 -16.97
C ALA A 89 -19.50 0.54 -16.19
N ARG A 90 -18.89 1.71 -15.93
CA ARG A 90 -17.63 1.83 -15.15
C ARG A 90 -16.55 0.95 -15.80
N GLN A 91 -16.49 0.97 -17.13
CA GLN A 91 -15.58 0.09 -17.91
C GLN A 91 -14.15 0.65 -17.89
N GLY A 92 -13.96 1.91 -17.57
CA GLY A 92 -12.60 2.45 -17.60
C GLY A 92 -12.07 2.52 -19.01
N LEU A 93 -12.89 2.86 -20.00
CA LEU A 93 -12.45 2.91 -21.41
C LEU A 93 -11.35 3.97 -21.56
N GLY A 94 -10.11 3.63 -21.29
CA GLY A 94 -9.06 4.66 -21.27
C GLY A 94 -7.99 4.38 -20.26
N ALA A 95 -8.09 3.29 -19.49
CA ALA A 95 -7.04 2.91 -18.53
C ALA A 95 -5.77 2.38 -19.22
N SER A 96 -5.78 2.18 -20.53
CA SER A 96 -4.53 1.95 -21.30
C SER A 96 -4.77 2.27 -22.77
N VAL A 97 -3.92 3.08 -23.36
CA VAL A 97 -4.06 3.48 -24.78
C VAL A 97 -2.71 3.27 -25.48
N VAL A 98 -2.73 2.78 -26.73
CA VAL A 98 -1.53 2.66 -27.60
C VAL A 98 -1.90 3.01 -29.03
N SER A 99 -0.90 3.21 -29.88
CA SER A 99 -1.11 3.59 -31.30
C SER A 99 -0.07 2.92 -32.20
N TRP A 100 -0.45 2.72 -33.47
CA TRP A 100 0.37 2.08 -34.53
C TRP A 100 -0.16 2.54 -35.89
N SER A 101 0.64 3.35 -36.61
CA SER A 101 0.24 4.01 -37.87
C SER A 101 -1.11 4.72 -37.62
N ASP A 102 -2.10 4.52 -38.48
CA ASP A 102 -3.44 5.17 -38.37
C ASP A 102 -4.37 4.38 -37.43
N VAL A 103 -3.84 3.50 -36.58
CA VAL A 103 -4.68 2.69 -35.66
C VAL A 103 -4.47 3.16 -34.22
N ILE A 104 -5.56 3.35 -33.47
CA ILE A 104 -5.53 3.64 -32.01
C ILE A 104 -6.19 2.46 -31.32
N VAL A 105 -5.46 1.87 -30.40
CA VAL A 105 -5.96 0.71 -29.62
C VAL A 105 -6.19 1.25 -28.23
N ALA A 106 -7.44 1.37 -27.85
CA ALA A 106 -7.79 2.04 -26.59
C ALA A 106 -8.60 1.08 -25.73
N CYS A 107 -8.01 0.62 -24.64
CA CYS A 107 -8.48 -0.63 -23.98
C CYS A 107 -9.13 -0.29 -22.68
N ALA A 108 -10.29 -0.87 -22.48
CA ALA A 108 -11.03 -0.80 -21.22
C ALA A 108 -10.73 -2.07 -20.45
N PRO A 109 -9.81 -2.04 -19.46
CA PRO A 109 -9.52 -3.22 -18.67
C PRO A 109 -10.74 -3.64 -17.88
N TRP A 110 -11.63 -2.68 -17.56
CA TRP A 110 -12.82 -2.97 -16.74
C TRP A 110 -14.05 -3.07 -17.61
N GLN A 111 -13.92 -3.26 -18.93
CA GLN A 111 -15.10 -3.47 -19.79
C GLN A 111 -15.63 -4.85 -19.49
N HIS A 112 -16.49 -4.93 -18.50
CA HIS A 112 -17.09 -6.20 -18.09
C HIS A 112 -17.78 -6.80 -19.33
N TRP A 113 -17.81 -8.11 -19.38
CA TRP A 113 -18.33 -8.81 -20.57
C TRP A 113 -19.05 -10.07 -20.10
N ASN A 114 -20.13 -10.45 -20.76
CA ASN A 114 -20.93 -11.61 -20.30
C ASN A 114 -21.57 -12.33 -21.49
N VAL A 115 -21.94 -13.60 -21.27
CA VAL A 115 -22.78 -14.42 -22.20
C VAL A 115 -23.98 -14.87 -21.39
N LEU A 116 -25.16 -14.40 -21.74
CA LEU A 116 -26.39 -14.98 -21.15
C LEU A 116 -26.83 -16.12 -22.05
N GLU A 117 -26.77 -17.34 -21.53
CA GLU A 117 -27.25 -18.54 -22.24
C GLU A 117 -27.93 -19.45 -21.22
N LYS A 118 -29.27 -19.55 -21.30
CA LYS A 118 -30.09 -20.26 -20.29
C LYS A 118 -29.80 -19.62 -18.92
N THR A 119 -29.62 -20.42 -17.86
CA THR A 119 -29.35 -19.90 -16.49
C THR A 119 -27.89 -19.45 -16.39
N GLU A 120 -26.96 -20.17 -17.02
CA GLU A 120 -25.49 -19.93 -16.87
C GLU A 120 -25.10 -18.61 -17.55
N GLU A 121 -23.91 -18.11 -17.20
CA GLU A 121 -23.35 -16.87 -17.79
C GLU A 121 -21.83 -16.87 -17.69
N ALA A 122 -21.19 -15.98 -18.45
CA ALA A 122 -19.72 -15.82 -18.50
C ALA A 122 -19.21 -14.98 -17.32
N GLU A 123 -20.12 -14.39 -16.52
CA GLU A 123 -19.82 -13.50 -15.36
C GLU A 123 -19.22 -12.20 -15.89
N LYS A 124 -19.80 -11.04 -15.55
CA LYS A 124 -19.30 -9.73 -16.05
C LYS A 124 -17.95 -9.46 -15.40
N THR A 125 -16.91 -10.04 -15.95
CA THR A 125 -15.56 -9.94 -15.38
C THR A 125 -14.80 -8.96 -16.23
N PRO A 126 -13.84 -8.21 -15.66
CA PRO A 126 -13.23 -7.11 -16.41
C PRO A 126 -12.29 -7.66 -17.47
N VAL A 127 -12.82 -8.32 -18.50
CA VAL A 127 -11.98 -9.04 -19.51
C VAL A 127 -11.19 -8.00 -20.29
N GLY A 128 -11.54 -6.76 -20.22
CA GLY A 128 -10.84 -5.79 -21.04
C GLY A 128 -11.32 -5.87 -22.48
N SER A 129 -10.95 -4.87 -23.26
CA SER A 129 -11.34 -4.83 -24.68
C SER A 129 -10.72 -3.59 -25.27
N CYS A 130 -9.98 -3.74 -26.35
CA CYS A 130 -9.36 -2.61 -27.07
C CYS A 130 -10.29 -2.24 -28.22
N PHE A 131 -10.81 -1.02 -28.15
CA PHE A 131 -11.50 -0.40 -29.29
C PHE A 131 -10.46 -0.06 -30.35
N LEU A 132 -10.74 -0.46 -31.58
CA LEU A 132 -9.85 -0.17 -32.71
C LEU A 132 -10.43 1.03 -33.41
N ALA A 133 -9.79 2.18 -33.24
CA ALA A 133 -10.19 3.41 -33.93
C ALA A 133 -9.33 3.56 -35.18
N GLN A 134 -9.99 3.62 -36.33
CA GLN A 134 -9.38 4.14 -37.58
C GLN A 134 -10.14 5.41 -37.96
N PRO A 135 -9.85 6.56 -37.31
CA PRO A 135 -10.62 7.78 -37.53
C PRO A 135 -10.59 8.28 -38.99
N GLU A 136 -9.47 8.10 -39.68
CA GLU A 136 -9.33 8.48 -41.11
C GLU A 136 -10.32 7.66 -41.94
N SER A 137 -10.44 6.36 -41.67
CA SER A 137 -11.43 5.47 -42.32
C SER A 137 -12.72 5.41 -41.50
N GLY A 138 -12.71 5.95 -40.27
CA GLY A 138 -13.86 5.90 -39.34
C GLY A 138 -14.22 4.48 -38.92
N ARG A 139 -13.31 3.51 -39.08
CA ARG A 139 -13.60 2.09 -38.75
C ARG A 139 -13.50 1.93 -37.23
N ARG A 140 -14.62 1.66 -36.59
CA ARG A 140 -14.65 1.37 -35.14
C ARG A 140 -14.77 -0.14 -34.98
N ALA A 141 -13.64 -0.84 -35.13
CA ALA A 141 -13.54 -2.28 -34.80
C ALA A 141 -13.41 -2.49 -33.29
N GLU A 142 -13.54 -3.73 -32.86
CA GLU A 142 -13.34 -4.10 -31.44
C GLU A 142 -12.42 -5.31 -31.38
N TYR A 143 -11.61 -5.42 -30.34
CA TYR A 143 -10.72 -6.58 -30.13
C TYR A 143 -10.70 -6.96 -28.66
N SER A 144 -10.82 -8.24 -28.42
CA SER A 144 -10.69 -8.81 -27.07
C SER A 144 -10.22 -10.23 -27.25
N PRO A 145 -8.90 -10.49 -27.23
CA PRO A 145 -8.39 -11.83 -27.40
C PRO A 145 -8.88 -12.70 -26.24
N CYS A 146 -9.24 -12.02 -25.16
CA CYS A 146 -9.70 -12.67 -23.93
C CYS A 146 -11.20 -12.93 -24.00
N ARG A 147 -11.91 -12.30 -24.96
CA ARG A 147 -13.38 -12.48 -25.05
C ARG A 147 -13.68 -13.93 -25.39
N GLY A 148 -14.49 -14.60 -24.58
CA GLY A 148 -14.65 -16.05 -24.71
C GLY A 148 -15.99 -16.55 -24.26
N ASN A 149 -16.70 -17.29 -25.13
CA ASN A 149 -18.01 -17.93 -24.86
C ASN A 149 -17.86 -19.02 -23.78
N THR A 150 -16.63 -19.28 -23.33
CA THR A 150 -16.37 -20.32 -22.30
C THR A 150 -17.17 -19.96 -21.05
N LEU A 151 -17.97 -20.90 -20.56
CA LEU A 151 -18.76 -20.69 -19.32
C LEU A 151 -17.82 -20.71 -18.10
N SER A 152 -18.30 -20.12 -17.02
CA SER A 152 -17.60 -20.11 -15.70
C SER A 152 -17.33 -21.54 -15.26
N ARG A 153 -18.34 -22.42 -15.39
CA ARG A 153 -18.25 -23.82 -14.92
C ARG A 153 -17.12 -24.54 -15.68
N ILE A 154 -16.98 -24.26 -16.97
CA ILE A 154 -15.92 -24.87 -17.82
C ILE A 154 -14.56 -24.43 -17.27
N TYR A 155 -14.38 -23.14 -16.97
CA TYR A 155 -13.12 -22.61 -16.41
C TYR A 155 -12.83 -23.24 -15.03
N VAL A 156 -13.82 -23.38 -14.17
CA VAL A 156 -13.64 -23.96 -12.80
C VAL A 156 -13.21 -25.42 -12.94
N GLU A 157 -13.83 -26.18 -13.84
CA GLU A 157 -13.69 -27.66 -13.86
C GLU A 157 -12.25 -28.04 -14.21
N ASN A 158 -11.53 -27.22 -14.99
CA ASN A 158 -10.16 -27.57 -15.46
C ASN A 158 -9.10 -26.97 -14.51
N ASP A 159 -9.37 -26.84 -13.21
CA ASP A 159 -8.45 -26.23 -12.22
C ASP A 159 -8.04 -24.84 -12.70
N PHE A 160 -8.96 -24.13 -13.34
CA PHE A 160 -8.77 -22.75 -13.86
C PHE A 160 -7.59 -22.72 -14.82
N SER A 161 -7.41 -23.81 -15.57
CA SER A 161 -6.38 -23.87 -16.63
C SER A 161 -6.81 -22.91 -17.73
N TRP A 162 -5.93 -21.97 -18.09
CA TRP A 162 -6.18 -20.97 -19.15
C TRP A 162 -7.41 -20.14 -18.77
N ASP A 163 -7.59 -19.86 -17.48
CA ASP A 163 -8.77 -19.11 -16.97
C ASP A 163 -8.62 -17.62 -17.30
N LYS A 164 -9.11 -17.21 -18.46
CA LYS A 164 -8.83 -15.85 -19.00
C LYS A 164 -9.94 -14.87 -18.60
N ARG A 165 -11.03 -15.33 -17.99
CA ARG A 165 -12.17 -14.47 -17.55
C ARG A 165 -11.69 -13.12 -17.01
N TYR A 166 -10.66 -13.04 -16.15
CA TYR A 166 -10.31 -11.81 -15.36
C TYR A 166 -9.14 -11.05 -15.98
N CYS A 167 -8.97 -11.16 -17.31
CA CYS A 167 -7.77 -10.69 -18.03
C CYS A 167 -7.48 -9.28 -17.59
N GLU A 168 -8.46 -8.41 -17.63
CA GLU A 168 -8.17 -6.96 -17.69
C GLU A 168 -7.25 -6.78 -18.88
N ALA A 169 -7.59 -7.43 -19.98
CA ALA A 169 -6.86 -7.35 -21.24
C ALA A 169 -6.72 -5.87 -21.59
N GLY A 170 -5.53 -5.46 -22.03
CA GLY A 170 -5.24 -4.06 -22.29
C GLY A 170 -5.05 -3.33 -20.97
N PHE A 171 -4.75 -4.03 -19.86
CA PHE A 171 -4.21 -3.42 -18.62
C PHE A 171 -2.88 -2.75 -18.95
N SER A 172 -2.03 -3.45 -19.70
CA SER A 172 -0.91 -2.81 -20.43
C SER A 172 -0.90 -3.30 -21.87
N SER A 173 -0.23 -2.57 -22.75
CA SER A 173 -0.20 -2.92 -24.18
C SER A 173 1.04 -2.31 -24.82
N VAL A 174 1.67 -3.06 -25.72
CA VAL A 174 2.75 -2.55 -26.62
C VAL A 174 2.47 -3.02 -28.05
N VAL A 175 3.06 -2.34 -29.01
CA VAL A 175 3.00 -2.75 -30.44
C VAL A 175 4.41 -3.19 -30.84
N THR A 176 4.53 -4.41 -31.37
CA THR A 176 5.80 -4.93 -31.91
C THR A 176 6.19 -4.14 -33.16
N GLN A 177 7.48 -4.04 -33.46
CA GLN A 177 7.98 -3.21 -34.60
C GLN A 177 7.41 -3.76 -35.92
N ALA A 178 7.17 -5.08 -35.99
CA ALA A 178 6.64 -5.75 -37.19
C ALA A 178 5.17 -5.39 -37.41
N GLY A 179 4.45 -4.97 -36.37
CA GLY A 179 3.05 -4.48 -36.45
C GLY A 179 2.03 -5.32 -35.71
N GLU A 180 2.45 -6.28 -34.88
CA GLU A 180 1.52 -7.12 -34.09
C GLU A 180 1.43 -6.54 -32.69
N LEU A 181 0.21 -6.39 -32.17
CA LEU A 181 -0.01 -5.80 -30.83
C LEU A 181 0.05 -6.91 -29.79
N VAL A 182 0.79 -6.64 -28.72
CA VAL A 182 0.90 -7.52 -27.53
C VAL A 182 0.24 -6.81 -26.36
N LEU A 183 -0.81 -7.42 -25.83
CA LEU A 183 -1.49 -6.86 -24.65
C LEU A 183 -1.19 -7.75 -23.46
N GLY A 184 -0.81 -7.09 -22.36
CA GLY A 184 -0.47 -7.70 -21.07
C GLY A 184 -1.67 -7.59 -20.16
N ALA A 185 -2.21 -8.73 -19.80
CA ALA A 185 -3.32 -8.82 -18.86
C ALA A 185 -2.86 -9.48 -17.58
N PRO A 186 -2.49 -8.71 -16.55
CA PRO A 186 -2.06 -9.24 -15.26
C PRO A 186 -3.11 -10.12 -14.59
N GLY A 187 -4.34 -9.90 -14.94
CA GLY A 187 -5.39 -10.72 -14.32
C GLY A 187 -5.50 -12.03 -15.04
N GLY A 188 -4.76 -12.22 -16.13
CA GLY A 188 -4.79 -13.47 -16.92
C GLY A 188 -4.50 -14.72 -16.10
N TYR A 189 -5.11 -15.83 -16.48
CA TYR A 189 -4.88 -17.15 -15.86
C TYR A 189 -5.08 -17.00 -14.36
N TYR A 190 -6.16 -16.36 -13.97
CA TYR A 190 -6.61 -16.18 -12.58
C TYR A 190 -5.54 -15.39 -11.85
N PHE A 191 -5.29 -14.19 -12.39
CA PHE A 191 -4.42 -13.15 -11.80
C PHE A 191 -2.96 -13.56 -11.95
N LEU A 192 -2.66 -14.72 -12.53
CA LEU A 192 -1.25 -15.08 -12.85
C LEU A 192 -0.75 -14.07 -13.88
N GLY A 193 -1.52 -13.79 -14.93
CA GLY A 193 -1.16 -12.84 -16.00
C GLY A 193 -0.83 -13.55 -17.30
N LEU A 194 -0.93 -12.84 -18.42
CA LEU A 194 -0.57 -13.40 -19.75
C LEU A 194 -0.30 -12.29 -20.74
N LEU A 195 0.23 -12.69 -21.87
CA LEU A 195 0.41 -11.84 -23.05
C LEU A 195 -0.38 -12.43 -24.20
N ALA A 196 -1.11 -11.59 -24.92
CA ALA A 196 -1.88 -12.00 -26.11
C ALA A 196 -1.40 -11.12 -27.26
N GLN A 197 -0.88 -11.77 -28.31
CA GLN A 197 -0.32 -11.05 -29.48
C GLN A 197 -1.13 -11.38 -30.71
N ALA A 198 -1.51 -10.37 -31.47
CA ALA A 198 -2.20 -10.56 -32.76
C ALA A 198 -1.89 -9.37 -33.63
N PRO A 199 -1.78 -9.56 -34.97
CA PRO A 199 -1.56 -8.41 -35.85
C PRO A 199 -2.80 -7.49 -35.83
N VAL A 200 -2.55 -6.20 -35.96
CA VAL A 200 -3.63 -5.18 -36.07
C VAL A 200 -4.35 -5.38 -37.41
N ALA A 201 -3.61 -5.66 -38.47
CA ALA A 201 -4.16 -5.85 -39.84
C ALA A 201 -5.15 -7.03 -39.82
N ASP A 202 -4.77 -8.14 -39.17
CA ASP A 202 -5.58 -9.39 -39.15
C ASP A 202 -6.85 -9.16 -38.35
N ILE A 203 -6.77 -8.48 -37.20
CA ILE A 203 -7.99 -8.23 -36.37
C ILE A 203 -8.92 -7.25 -37.10
N PHE A 204 -8.37 -6.25 -37.80
CA PHE A 204 -9.18 -5.33 -38.64
C PHE A 204 -9.90 -6.13 -39.72
N SER A 205 -9.19 -7.03 -40.40
CA SER A 205 -9.74 -7.84 -41.50
C SER A 205 -10.83 -8.78 -40.97
N SER A 206 -10.67 -9.30 -39.75
CA SER A 206 -11.60 -10.30 -39.15
C SER A 206 -12.75 -9.59 -38.44
N TYR A 207 -12.72 -8.26 -38.34
CA TYR A 207 -13.78 -7.50 -37.64
C TYR A 207 -15.05 -7.48 -38.50
N ARG A 208 -16.20 -7.76 -37.87
CA ARG A 208 -17.52 -7.52 -38.48
C ARG A 208 -18.41 -6.83 -37.44
N PRO A 209 -19.28 -5.89 -37.85
CA PRO A 209 -20.17 -5.21 -36.91
C PRO A 209 -21.05 -6.18 -36.10
N GLY A 210 -21.17 -5.91 -34.79
CA GLY A 210 -22.09 -6.62 -33.87
C GLY A 210 -21.82 -8.10 -33.87
N ILE A 211 -20.56 -8.50 -33.72
CA ILE A 211 -20.16 -9.92 -33.61
C ILE A 211 -19.59 -10.18 -32.21
N LEU A 212 -18.56 -9.42 -31.81
CA LEU A 212 -18.01 -9.39 -30.42
C LEU A 212 -17.47 -10.75 -29.98
N LEU A 213 -17.45 -11.77 -30.83
CA LEU A 213 -16.90 -13.10 -30.48
C LEU A 213 -16.51 -13.80 -31.78
N TRP A 214 -15.22 -13.89 -32.02
CA TRP A 214 -14.67 -14.47 -33.25
C TRP A 214 -13.21 -14.81 -33.00
N HIS A 215 -12.83 -16.04 -33.29
CA HIS A 215 -11.41 -16.49 -33.21
C HIS A 215 -10.60 -15.74 -34.27
N VAL A 216 -9.48 -15.17 -33.86
CA VAL A 216 -8.52 -14.54 -34.82
C VAL A 216 -7.44 -15.59 -35.08
N SER A 217 -7.14 -15.88 -36.34
CA SER A 217 -6.31 -17.04 -36.72
C SER A 217 -4.87 -16.84 -36.25
N SER A 218 -4.40 -15.59 -36.24
CA SER A 218 -2.98 -15.21 -35.99
C SER A 218 -2.77 -14.75 -34.54
N GLN A 219 -3.69 -15.03 -33.62
CA GLN A 219 -3.52 -14.61 -32.21
C GLN A 219 -2.48 -15.52 -31.57
N SER A 220 -1.76 -14.99 -30.58
CA SER A 220 -0.70 -15.69 -29.81
C SER A 220 -0.91 -15.40 -28.33
N LEU A 221 -1.66 -16.24 -27.63
CA LEU A 221 -1.85 -16.12 -26.17
C LEU A 221 -0.69 -16.85 -25.45
N SER A 222 -0.32 -16.36 -24.27
CA SER A 222 0.83 -16.92 -23.49
C SER A 222 0.48 -18.29 -22.96
N PHE A 223 1.51 -19.07 -22.73
CA PHE A 223 1.35 -20.41 -22.12
C PHE A 223 1.13 -20.22 -20.62
N ASP A 224 0.10 -20.83 -20.05
CA ASP A 224 -0.11 -20.72 -18.59
C ASP A 224 0.90 -21.62 -17.86
N SER A 225 0.91 -21.57 -16.53
CA SER A 225 1.81 -22.37 -15.65
C SER A 225 1.05 -22.87 -14.41
N SER A 226 1.65 -23.78 -13.67
CA SER A 226 1.07 -24.42 -12.47
C SER A 226 2.03 -24.34 -11.28
N ASN A 227 3.25 -23.83 -11.47
CA ASN A 227 4.22 -23.63 -10.36
C ASN A 227 3.72 -22.50 -9.48
N PRO A 228 3.44 -22.74 -8.17
CA PRO A 228 2.93 -21.69 -7.30
C PRO A 228 3.82 -20.43 -7.21
N GLU A 229 5.06 -20.55 -7.62
CA GLU A 229 6.02 -19.42 -7.57
C GLU A 229 5.54 -18.31 -8.49
N TYR A 230 4.60 -18.57 -9.41
CA TYR A 230 4.07 -17.55 -10.35
C TYR A 230 2.70 -17.01 -9.89
N PHE A 231 2.11 -17.66 -8.91
CA PHE A 231 0.75 -17.30 -8.45
C PHE A 231 0.72 -15.85 -7.97
N ASP A 232 -0.34 -15.16 -8.39
CA ASP A 232 -0.75 -13.80 -7.95
C ASP A 232 0.38 -12.84 -8.25
N GLY A 233 1.29 -13.22 -9.12
CA GLY A 233 2.44 -12.37 -9.43
C GLY A 233 2.00 -11.25 -10.31
N TYR A 234 0.84 -11.35 -10.95
CA TYR A 234 0.40 -10.41 -12.02
C TYR A 234 1.48 -10.45 -13.11
N TRP A 235 1.70 -11.65 -13.67
CA TRP A 235 2.71 -11.90 -14.74
C TRP A 235 2.20 -11.19 -15.99
N GLY A 236 2.47 -9.89 -16.08
CA GLY A 236 1.92 -9.05 -17.15
C GLY A 236 1.51 -7.70 -16.68
N TYR A 237 1.60 -7.44 -15.38
CA TYR A 237 1.26 -6.14 -14.79
C TYR A 237 2.09 -5.06 -15.51
N SER A 238 3.30 -5.39 -15.91
CA SER A 238 4.09 -4.52 -16.81
C SER A 238 4.61 -5.39 -17.96
N VAL A 239 4.56 -4.88 -19.17
CA VAL A 239 4.99 -5.65 -20.37
C VAL A 239 5.85 -4.75 -21.21
N ALA A 240 6.89 -5.32 -21.80
CA ALA A 240 7.67 -4.60 -22.83
C ALA A 240 8.29 -5.59 -23.83
N VAL A 241 8.90 -5.08 -24.88
CA VAL A 241 9.42 -5.89 -26.00
C VAL A 241 10.86 -5.48 -26.22
N GLY A 242 11.79 -6.45 -26.15
CA GLY A 242 13.21 -6.26 -26.45
C GLY A 242 13.84 -7.54 -26.98
N GLU A 243 15.03 -7.45 -27.54
CA GLU A 243 15.81 -8.62 -28.01
C GLU A 243 16.84 -8.97 -26.95
N PHE A 244 16.74 -10.18 -26.38
CA PHE A 244 17.64 -10.65 -25.30
C PHE A 244 18.31 -11.99 -25.65
N ASP A 245 17.85 -12.73 -26.67
CA ASP A 245 18.45 -14.03 -27.08
C ASP A 245 19.55 -13.81 -28.13
N GLY A 246 19.88 -12.55 -28.46
CA GLY A 246 20.84 -12.16 -29.51
C GLY A 246 20.42 -12.63 -30.89
N ASP A 247 19.12 -12.88 -31.10
CA ASP A 247 18.55 -13.34 -32.39
C ASP A 247 17.58 -12.26 -32.87
N LEU A 248 18.01 -11.42 -33.81
CA LEU A 248 17.18 -10.30 -34.33
C LEU A 248 16.00 -10.83 -35.17
N ASN A 249 16.02 -12.11 -35.57
CA ASN A 249 14.94 -12.72 -36.39
C ASN A 249 13.69 -12.94 -35.54
N THR A 250 13.79 -12.91 -34.21
CA THR A 250 12.64 -13.05 -33.29
C THR A 250 12.61 -11.91 -32.28
N THR A 251 11.43 -11.55 -31.79
CA THR A 251 11.24 -10.44 -30.81
C THR A 251 10.98 -11.04 -29.43
N GLU A 252 11.67 -10.52 -28.43
CA GLU A 252 11.63 -11.07 -27.04
C GLU A 252 10.64 -10.27 -26.19
N TYR A 253 9.88 -10.95 -25.34
CA TYR A 253 8.89 -10.30 -24.45
C TYR A 253 9.43 -10.26 -23.03
N VAL A 254 9.49 -9.07 -22.46
CA VAL A 254 9.92 -8.83 -21.06
C VAL A 254 8.69 -8.56 -20.21
N VAL A 255 8.47 -9.40 -19.23
CA VAL A 255 7.24 -9.27 -18.42
C VAL A 255 7.68 -8.99 -17.01
N GLY A 256 7.18 -7.90 -16.43
CA GLY A 256 7.34 -7.59 -15.01
C GLY A 256 6.12 -7.99 -14.22
N ALA A 257 6.26 -9.01 -13.35
CA ALA A 257 5.29 -9.36 -12.31
C ALA A 257 5.76 -8.84 -10.95
N PRO A 258 5.12 -7.81 -10.36
CA PRO A 258 5.64 -7.20 -9.14
C PRO A 258 5.37 -7.99 -7.86
N THR A 259 4.53 -9.00 -7.91
CA THR A 259 4.22 -9.86 -6.75
C THR A 259 4.73 -11.29 -6.99
N TRP A 260 5.72 -11.46 -7.85
CA TRP A 260 6.25 -12.82 -8.16
C TRP A 260 6.93 -13.42 -6.94
N SER A 261 6.65 -14.70 -6.68
CA SER A 261 7.27 -15.51 -5.59
C SER A 261 7.05 -14.83 -4.25
N TRP A 262 5.79 -14.67 -3.88
CA TRP A 262 5.39 -14.13 -2.55
C TRP A 262 6.00 -12.74 -2.42
N THR A 263 5.51 -11.85 -3.25
CA THR A 263 5.64 -10.37 -3.16
C THR A 263 7.07 -9.97 -3.49
N LEU A 264 7.97 -10.95 -3.73
CA LEU A 264 9.37 -10.60 -4.09
C LEU A 264 9.33 -9.81 -5.40
N GLY A 265 8.56 -10.32 -6.38
CA GLY A 265 8.50 -9.71 -7.72
C GLY A 265 9.67 -10.12 -8.58
N ALA A 266 9.42 -10.33 -9.87
CA ALA A 266 10.44 -10.70 -10.87
C ALA A 266 10.11 -10.07 -12.21
N VAL A 267 11.05 -10.17 -13.09
CA VAL A 267 10.87 -9.87 -14.52
C VAL A 267 11.43 -11.07 -15.31
N GLU A 268 10.64 -11.63 -16.21
CA GLU A 268 11.05 -12.77 -17.06
C GLU A 268 11.32 -12.27 -18.47
N ILE A 269 12.36 -12.79 -19.11
CA ILE A 269 12.56 -12.55 -20.55
C ILE A 269 12.23 -13.83 -21.29
N LEU A 270 11.29 -13.76 -22.23
CA LEU A 270 10.87 -14.92 -23.06
C LEU A 270 11.08 -14.59 -24.53
N ASP A 271 11.17 -15.63 -25.36
CA ASP A 271 11.25 -15.49 -26.84
C ASP A 271 9.85 -15.14 -27.37
N SER A 272 9.75 -14.92 -28.68
CA SER A 272 8.44 -14.66 -29.35
C SER A 272 7.51 -15.85 -29.13
N TYR A 273 8.05 -17.06 -29.00
CA TYR A 273 7.24 -18.29 -28.84
C TYR A 273 6.91 -18.56 -27.36
N TYR A 274 7.02 -17.54 -26.49
CA TYR A 274 6.51 -17.58 -25.08
C TYR A 274 7.23 -18.65 -24.27
N GLN A 275 8.54 -18.76 -24.44
CA GLN A 275 9.39 -19.69 -23.65
C GLN A 275 10.47 -18.87 -22.92
N ARG A 276 10.70 -19.20 -21.64
CA ARG A 276 11.63 -18.47 -20.74
C ARG A 276 13.04 -18.52 -21.32
N LEU A 277 13.60 -17.37 -21.64
CA LEU A 277 15.04 -17.25 -21.96
C LEU A 277 15.82 -16.99 -20.66
N HIS A 278 15.21 -16.27 -19.71
CA HIS A 278 15.80 -16.03 -18.37
C HIS A 278 14.73 -15.52 -17.39
N ARG A 279 15.05 -15.51 -16.10
CA ARG A 279 14.22 -14.85 -15.05
C ARG A 279 15.12 -14.08 -14.06
N LEU A 280 14.69 -12.89 -13.66
CA LEU A 280 15.45 -11.97 -12.79
C LEU A 280 14.58 -11.66 -11.59
N ARG A 281 15.10 -11.92 -10.38
CA ARG A 281 14.28 -11.96 -9.15
C ARG A 281 14.56 -10.69 -8.36
N GLY A 282 13.65 -10.41 -7.42
CA GLY A 282 13.62 -9.18 -6.60
C GLY A 282 14.47 -9.34 -5.37
N GLU A 283 15.10 -8.26 -4.92
CA GLU A 283 15.99 -8.28 -3.71
C GLU A 283 15.12 -8.11 -2.47
N GLN A 284 14.33 -7.04 -2.44
CA GLN A 284 13.59 -6.66 -1.21
C GLN A 284 12.12 -7.12 -1.31
N MET A 285 11.64 -7.84 -0.29
CA MET A 285 10.24 -8.29 -0.28
C MET A 285 9.27 -7.10 -0.22
N ALA A 286 8.10 -7.26 -0.84
CA ALA A 286 6.92 -6.34 -0.89
C ALA A 286 7.32 -4.99 -1.51
N SER A 287 8.44 -4.92 -2.19
CA SER A 287 8.90 -3.67 -2.80
C SER A 287 8.22 -3.43 -4.15
N TYR A 288 7.39 -4.38 -4.63
CA TYR A 288 6.77 -4.37 -5.98
C TYR A 288 7.89 -4.32 -7.03
N PHE A 289 8.68 -5.39 -7.09
CA PHE A 289 9.72 -5.60 -8.11
C PHE A 289 9.06 -6.08 -9.40
N GLY A 290 8.69 -5.16 -10.28
CA GLY A 290 7.98 -5.46 -11.54
C GLY A 290 6.71 -4.63 -11.74
N HIS A 291 6.46 -3.63 -10.90
CA HIS A 291 5.33 -2.68 -11.05
C HIS A 291 5.51 -1.98 -12.38
N SER A 292 6.73 -1.54 -12.68
CA SER A 292 7.03 -0.89 -13.97
C SER A 292 8.31 -1.48 -14.52
N VAL A 293 8.31 -1.88 -15.78
CA VAL A 293 9.53 -2.40 -16.46
C VAL A 293 9.82 -1.58 -17.67
N ALA A 294 11.03 -1.71 -18.15
CA ALA A 294 11.50 -0.83 -19.23
C ALA A 294 12.71 -1.49 -19.86
N VAL A 295 12.60 -1.80 -21.13
CA VAL A 295 13.69 -2.47 -21.85
C VAL A 295 14.40 -1.41 -22.67
N THR A 296 15.72 -1.30 -22.51
CA THR A 296 16.54 -0.35 -23.29
C THR A 296 18.02 -0.61 -23.05
N ASP A 297 18.85 -0.18 -24.00
CA ASP A 297 20.32 -0.33 -23.96
C ASP A 297 20.89 0.86 -23.18
N VAL A 298 20.71 0.85 -21.87
CA VAL A 298 21.33 1.84 -20.94
C VAL A 298 22.85 1.86 -21.18
N ASN A 299 23.45 0.66 -21.36
CA ASN A 299 24.87 0.55 -21.75
C ASN A 299 25.07 1.12 -23.16
N GLY A 300 24.18 0.83 -24.08
CA GLY A 300 24.27 1.26 -25.48
C GLY A 300 25.27 0.44 -26.28
N ASP A 301 25.41 -0.85 -25.96
CA ASP A 301 26.37 -1.76 -26.64
C ASP A 301 25.68 -2.53 -27.77
N GLY A 302 24.36 -2.36 -27.95
CA GLY A 302 23.56 -3.08 -28.96
C GLY A 302 22.78 -4.26 -28.39
N ARG A 303 22.96 -4.59 -27.10
CA ARG A 303 22.17 -5.65 -26.44
C ARG A 303 21.23 -5.01 -25.43
N HIS A 304 19.92 -5.23 -25.56
CA HIS A 304 18.89 -4.62 -24.67
C HIS A 304 19.18 -4.99 -23.20
N ASP A 305 18.99 -4.05 -22.29
CA ASP A 305 19.15 -4.25 -20.82
C ASP A 305 17.81 -3.96 -20.16
N LEU A 306 17.61 -4.50 -18.98
CA LEU A 306 16.29 -4.43 -18.32
C LEU A 306 16.32 -3.42 -17.16
N LEU A 307 15.25 -2.64 -16.98
CA LEU A 307 15.03 -1.69 -15.84
C LEU A 307 13.74 -2.07 -15.13
N VAL A 308 13.81 -2.28 -13.85
CA VAL A 308 12.66 -2.66 -13.04
C VAL A 308 12.49 -1.59 -11.96
N GLY A 309 11.24 -1.29 -11.64
CA GLY A 309 10.85 -0.40 -10.53
C GLY A 309 10.47 -1.23 -9.32
N ALA A 310 10.69 -0.64 -8.13
CA ALA A 310 10.24 -1.16 -6.82
C ALA A 310 9.76 0.00 -5.96
N PRO A 311 8.50 0.47 -6.15
CA PRO A 311 8.02 1.68 -5.49
C PRO A 311 7.72 1.52 -3.99
N LEU A 312 7.79 0.32 -3.44
CA LEU A 312 7.59 0.12 -1.98
C LEU A 312 8.90 -0.38 -1.33
N TYR A 313 10.04 -0.08 -1.97
CA TYR A 313 11.38 -0.45 -1.44
C TYR A 313 11.70 0.47 -0.26
N MET A 314 12.18 -0.10 0.85
CA MET A 314 12.60 0.64 2.05
C MET A 314 14.07 0.38 2.34
N GLU A 315 14.88 1.44 2.44
CA GLU A 315 16.35 1.37 2.61
C GLU A 315 16.65 1.41 4.09
N SER A 316 17.87 1.06 4.45
CA SER A 316 18.40 1.14 5.85
C SER A 316 19.29 2.36 5.96
N ARG A 317 19.07 3.18 6.99
CA ARG A 317 19.81 4.43 7.23
C ARG A 317 20.18 4.52 8.71
N ALA A 318 20.94 5.57 9.05
CA ALA A 318 21.47 5.88 10.40
C ALA A 318 20.38 5.68 11.46
N ASP A 319 20.82 5.33 12.67
CA ASP A 319 19.95 4.93 13.81
C ASP A 319 19.15 3.68 13.43
N ARG A 320 19.61 2.91 12.45
CA ARG A 320 19.02 1.62 12.04
C ARG A 320 17.54 1.84 11.66
N LYS A 321 17.26 2.78 10.76
CA LYS A 321 15.86 3.13 10.37
C LYS A 321 15.59 2.59 8.96
N LEU A 322 14.45 1.92 8.76
CA LEU A 322 14.01 1.44 7.42
C LEU A 322 13.04 2.46 6.81
N ALA A 323 13.57 3.36 5.96
CA ALA A 323 12.81 4.47 5.33
C ALA A 323 12.35 4.03 3.96
N GLU A 324 11.04 4.01 3.74
CA GLU A 324 10.41 3.50 2.50
C GLU A 324 10.46 4.57 1.42
N VAL A 325 11.31 4.38 0.43
CA VAL A 325 11.45 5.38 -0.68
C VAL A 325 11.18 4.71 -2.02
N GLY A 326 11.74 3.52 -2.25
CA GLY A 326 11.65 2.82 -3.53
C GLY A 326 13.02 2.52 -4.10
N ARG A 327 13.06 1.84 -5.23
CA ARG A 327 14.35 1.43 -5.84
C ARG A 327 14.16 1.19 -7.34
N VAL A 328 15.26 1.33 -8.08
CA VAL A 328 15.35 0.96 -9.51
C VAL A 328 16.47 -0.07 -9.64
N TYR A 329 16.11 -1.25 -10.11
CA TYR A 329 17.07 -2.34 -10.40
C TYR A 329 17.42 -2.28 -11.87
N LEU A 330 18.70 -2.23 -12.17
CA LEU A 330 19.21 -2.24 -13.55
C LEU A 330 19.97 -3.54 -13.73
N PHE A 331 19.52 -4.38 -14.65
CA PHE A 331 20.23 -5.59 -15.09
C PHE A 331 20.84 -5.33 -16.46
N LEU A 332 22.13 -5.60 -16.60
CA LEU A 332 22.84 -5.37 -17.88
C LEU A 332 23.05 -6.72 -18.59
N GLN A 333 22.75 -6.74 -19.90
CA GLN A 333 22.90 -7.95 -20.74
C GLN A 333 24.39 -8.16 -21.00
N PRO A 334 24.98 -9.29 -20.57
CA PRO A 334 26.40 -9.53 -20.85
C PRO A 334 26.68 -9.76 -22.34
N ARG A 335 27.93 -9.53 -22.73
CA ARG A 335 28.40 -9.65 -24.13
C ARG A 335 28.25 -11.09 -24.60
N GLY A 336 27.81 -11.27 -25.84
CA GLY A 336 27.70 -12.58 -26.50
C GLY A 336 26.53 -13.37 -25.93
N PRO A 337 26.45 -14.71 -26.18
CA PRO A 337 25.32 -15.52 -25.73
C PRO A 337 25.39 -15.83 -24.23
N HIS A 338 25.49 -14.79 -23.41
CA HIS A 338 25.61 -14.92 -21.94
C HIS A 338 24.32 -14.41 -21.28
N ALA A 339 23.86 -15.11 -20.25
CA ALA A 339 22.63 -14.79 -19.50
C ALA A 339 22.91 -13.68 -18.48
N LEU A 340 21.90 -12.84 -18.23
CA LEU A 340 21.94 -11.76 -17.22
C LEU A 340 22.07 -12.38 -15.82
N GLY A 341 22.80 -11.71 -14.93
CA GLY A 341 23.07 -12.19 -13.55
C GLY A 341 22.59 -11.21 -12.48
N ALA A 342 23.51 -10.78 -11.60
CA ALA A 342 23.21 -9.96 -10.41
C ALA A 342 22.80 -8.56 -10.83
N PRO A 343 21.95 -7.85 -10.05
CA PRO A 343 21.53 -6.48 -10.35
C PRO A 343 22.71 -5.58 -10.65
N SER A 344 22.87 -5.19 -11.91
CA SER A 344 24.07 -4.47 -12.44
C SER A 344 24.26 -3.20 -11.64
N LEU A 345 23.18 -2.45 -11.45
CA LEU A 345 23.24 -1.22 -10.61
C LEU A 345 21.92 -1.03 -9.86
N LEU A 346 22.01 -0.28 -8.78
CA LEU A 346 20.88 -0.05 -7.86
C LEU A 346 20.75 1.45 -7.62
N LEU A 347 19.53 1.96 -7.82
CA LEU A 347 19.21 3.39 -7.75
C LEU A 347 18.10 3.57 -6.70
N THR A 348 18.18 4.64 -5.92
CA THR A 348 17.26 4.84 -4.78
C THR A 348 16.80 6.30 -4.75
N GLY A 349 15.57 6.52 -4.28
CA GLY A 349 15.00 7.86 -4.04
C GLY A 349 15.42 8.45 -2.70
N THR A 350 14.94 9.64 -2.37
CA THR A 350 15.26 10.33 -1.09
C THR A 350 13.98 10.50 -0.26
N GLN A 351 12.95 11.10 -0.84
CA GLN A 351 11.73 11.51 -0.09
C GLN A 351 11.02 10.26 0.40
N LEU A 352 10.58 10.33 1.63
CA LEU A 352 9.91 9.22 2.33
C LEU A 352 8.49 9.09 1.79
N TYR A 353 8.03 7.86 1.65
CA TYR A 353 6.63 7.51 1.26
C TYR A 353 6.31 8.03 -0.15
N GLY A 354 7.34 8.22 -0.99
CA GLY A 354 7.22 8.85 -2.32
C GLY A 354 6.74 7.87 -3.38
N ARG A 355 6.67 6.57 -3.09
CA ARG A 355 6.45 5.50 -4.11
C ARG A 355 7.40 5.72 -5.28
N PHE A 356 8.67 5.94 -5.04
CA PHE A 356 9.67 6.12 -6.10
C PHE A 356 9.82 4.79 -6.83
N GLY A 357 9.57 4.81 -8.15
CA GLY A 357 9.65 3.64 -9.02
C GLY A 357 8.29 3.04 -9.27
N SER A 358 7.26 3.87 -9.39
CA SER A 358 5.88 3.43 -9.72
C SER A 358 5.76 3.29 -11.24
N ALA A 359 6.32 4.27 -11.96
CA ALA A 359 6.29 4.26 -13.42
C ALA A 359 7.66 4.63 -13.95
N ILE A 360 8.14 3.88 -14.94
CA ILE A 360 9.45 4.15 -15.57
C ILE A 360 9.18 4.50 -17.04
N ALA A 361 9.66 5.66 -17.46
CA ALA A 361 9.52 6.15 -18.84
C ALA A 361 10.85 6.08 -19.55
N PRO A 362 11.04 5.13 -20.47
CA PRO A 362 12.20 5.17 -21.36
C PRO A 362 12.30 6.50 -22.08
N LEU A 363 13.34 7.27 -21.77
CA LEU A 363 13.58 8.62 -22.36
C LEU A 363 14.50 8.49 -23.58
N GLY A 364 14.93 7.28 -23.94
CA GLY A 364 15.93 7.14 -25.01
C GLY A 364 17.21 7.88 -24.68
N ASP A 365 17.56 8.93 -25.42
CA ASP A 365 18.78 9.72 -25.17
C ASP A 365 18.38 11.18 -25.01
N LEU A 366 18.79 11.80 -23.91
CA LEU A 366 18.44 13.22 -23.60
C LEU A 366 19.28 14.14 -24.47
N ASP A 367 20.60 14.06 -24.32
CA ASP A 367 21.56 15.03 -24.91
C ASP A 367 21.89 14.65 -26.36
N ARG A 368 21.11 13.76 -26.98
CA ARG A 368 21.20 13.42 -28.43
C ARG A 368 22.63 12.96 -28.75
N ASP A 369 23.22 12.16 -27.88
CA ASP A 369 24.65 11.78 -27.97
C ASP A 369 24.81 10.28 -28.16
N GLY A 370 24.20 9.46 -27.30
CA GLY A 370 24.42 8.00 -27.35
C GLY A 370 24.27 7.29 -26.02
N TYR A 371 24.48 7.96 -24.88
CA TYR A 371 24.18 7.32 -23.57
C TYR A 371 22.67 7.31 -23.44
N ASN A 372 22.08 6.11 -23.38
CA ASN A 372 20.64 5.95 -23.12
C ASN A 372 20.31 6.53 -21.75
N ASP A 373 19.30 7.41 -21.69
CA ASP A 373 18.88 8.10 -20.45
C ASP A 373 17.40 7.77 -20.23
N ILE A 374 16.97 7.45 -19.00
CA ILE A 374 15.54 7.17 -18.71
C ILE A 374 14.98 8.10 -17.64
N ALA A 375 13.71 7.90 -17.25
CA ALA A 375 13.02 8.64 -16.16
C ALA A 375 12.15 7.68 -15.34
N VAL A 376 11.89 8.05 -14.09
CA VAL A 376 11.18 7.19 -13.11
C VAL A 376 10.23 8.09 -12.32
N ALA A 377 9.24 7.49 -11.69
CA ALA A 377 8.14 8.23 -11.03
C ALA A 377 8.25 8.07 -9.53
N ALA A 378 7.62 9.00 -8.82
CA ALA A 378 7.45 9.04 -7.36
C ALA A 378 6.22 9.90 -7.07
N PRO A 379 5.00 9.31 -7.15
CA PRO A 379 3.77 10.09 -7.15
C PRO A 379 3.53 10.93 -5.89
N TYR A 380 4.18 10.60 -4.78
CA TYR A 380 3.99 11.28 -3.47
C TYR A 380 5.36 11.62 -2.86
N GLY A 381 6.31 11.96 -3.73
CA GLY A 381 7.66 12.40 -3.37
C GLY A 381 7.71 13.91 -3.17
N GLY A 382 8.90 14.45 -2.98
CA GLY A 382 9.15 15.89 -2.75
C GLY A 382 8.91 16.28 -1.31
N PRO A 383 9.41 17.45 -0.85
CA PRO A 383 9.26 17.86 0.54
C PRO A 383 7.79 17.93 0.98
N SER A 384 6.93 18.44 0.10
CA SER A 384 5.47 18.64 0.32
C SER A 384 4.75 17.30 0.44
N GLY A 385 5.07 16.34 -0.44
CA GLY A 385 4.36 15.04 -0.53
C GLY A 385 3.21 15.11 -1.53
N ARG A 386 3.49 15.61 -2.74
CA ARG A 386 2.46 15.82 -3.80
C ARG A 386 2.80 15.06 -5.08
N GLY A 387 4.07 15.07 -5.49
CA GLY A 387 4.50 14.38 -6.72
C GLY A 387 5.97 14.56 -7.00
N GLN A 388 6.51 13.69 -7.84
CA GLN A 388 7.94 13.70 -8.19
C GLN A 388 8.23 12.84 -9.42
N VAL A 389 8.96 13.39 -10.39
CA VAL A 389 9.43 12.65 -11.59
C VAL A 389 10.94 12.86 -11.72
N LEU A 390 11.71 11.79 -11.69
CA LEU A 390 13.19 11.85 -11.53
C LEU A 390 13.85 11.30 -12.79
N VAL A 391 14.66 12.13 -13.44
CA VAL A 391 15.38 11.80 -14.69
C VAL A 391 16.71 11.13 -14.33
N PHE A 392 16.85 9.86 -14.67
CA PHE A 392 18.10 9.08 -14.50
C PHE A 392 18.91 9.16 -15.79
N LEU A 393 19.86 10.10 -15.83
CA LEU A 393 20.84 10.22 -16.94
C LEU A 393 21.73 8.98 -16.92
N GLY A 394 21.44 8.01 -17.77
CA GLY A 394 22.17 6.73 -17.85
C GLY A 394 23.59 6.94 -18.34
N GLN A 395 24.44 5.95 -18.12
CA GLN A 395 25.87 5.97 -18.52
C GLN A 395 26.17 4.76 -19.40
N SER A 396 27.23 4.84 -20.19
CA SER A 396 27.77 3.73 -21.00
C SER A 396 28.03 2.52 -20.10
N GLU A 397 28.33 2.74 -18.82
CA GLU A 397 28.50 1.62 -17.89
C GLU A 397 27.16 1.16 -17.35
N GLY A 398 26.25 2.10 -17.11
CA GLY A 398 24.91 1.79 -16.55
C GLY A 398 24.15 3.02 -16.09
N LEU A 399 23.58 3.00 -14.88
CA LEU A 399 22.69 4.09 -14.38
C LEU A 399 23.28 4.74 -13.13
N ARG A 400 23.36 6.08 -13.11
CA ARG A 400 23.89 6.87 -11.97
C ARG A 400 22.80 6.90 -10.89
N SER A 401 23.19 6.90 -9.62
CA SER A 401 22.22 6.87 -8.48
C SER A 401 21.64 8.24 -8.17
N ARG A 402 22.10 9.33 -8.79
CA ARG A 402 21.64 10.70 -8.47
C ARG A 402 20.83 11.27 -9.63
N PRO A 403 19.47 11.29 -9.56
CA PRO A 403 18.66 11.79 -10.67
C PRO A 403 18.95 13.25 -11.05
N SER A 404 19.09 13.53 -12.35
CA SER A 404 19.60 14.81 -12.89
C SER A 404 18.57 15.93 -12.64
N GLN A 405 17.31 15.68 -13.01
CA GLN A 405 16.22 16.66 -12.90
C GLN A 405 15.05 16.03 -12.15
N VAL A 406 14.43 16.79 -11.26
CA VAL A 406 13.23 16.34 -10.51
C VAL A 406 12.11 17.31 -10.82
N LEU A 407 10.99 16.79 -11.33
CA LEU A 407 9.76 17.54 -11.63
C LEU A 407 8.78 17.35 -10.46
N ASP A 408 8.36 18.46 -9.85
CA ASP A 408 7.41 18.42 -8.70
C ASP A 408 6.00 18.71 -9.22
N SER A 409 5.01 18.17 -8.52
CA SER A 409 3.58 18.30 -8.86
C SER A 409 3.13 19.75 -8.68
N PRO A 410 2.67 20.45 -9.74
CA PRO A 410 1.99 21.74 -9.57
C PRO A 410 0.53 21.58 -9.12
N PHE A 411 0.03 20.35 -9.09
CA PHE A 411 -1.36 20.03 -8.64
C PHE A 411 -1.42 20.02 -7.11
N PRO A 412 -2.62 20.16 -6.50
CA PRO A 412 -2.79 19.92 -5.08
C PRO A 412 -2.64 18.45 -4.65
N THR A 413 -2.79 18.21 -3.37
CA THR A 413 -2.69 16.87 -2.74
C THR A 413 -3.76 15.94 -3.32
N GLY A 414 -3.38 14.67 -3.54
CA GLY A 414 -4.26 13.59 -4.00
C GLY A 414 -4.12 13.34 -5.50
N SER A 415 -3.41 14.20 -6.24
CA SER A 415 -3.34 14.17 -7.73
C SER A 415 -2.57 12.95 -8.25
N ALA A 416 -1.70 12.35 -7.44
CA ALA A 416 -0.77 11.28 -7.88
C ALA A 416 -0.01 11.68 -9.16
N PHE A 417 0.52 12.89 -9.22
CA PHE A 417 1.34 13.34 -10.36
C PHE A 417 2.49 12.41 -10.60
N GLY A 418 2.65 12.05 -11.88
CA GLY A 418 3.71 11.17 -12.38
C GLY A 418 3.32 9.72 -12.41
N PHE A 419 2.13 9.35 -11.93
CA PHE A 419 1.72 7.93 -11.72
C PHE A 419 1.75 7.13 -13.02
N SER A 420 1.44 7.79 -14.14
CA SER A 420 1.57 7.21 -15.50
C SER A 420 2.18 8.25 -16.43
N LEU A 421 3.39 8.01 -16.90
CA LEU A 421 4.03 8.98 -17.82
C LEU A 421 4.56 8.23 -19.02
N ARG A 422 4.97 8.99 -20.02
CA ARG A 422 5.53 8.41 -21.24
C ARG A 422 6.40 9.46 -21.93
N GLY A 423 7.53 9.00 -22.45
CA GLY A 423 8.44 9.83 -23.26
C GLY A 423 8.74 9.09 -24.54
N ALA A 424 9.98 9.19 -25.01
CA ALA A 424 10.45 8.50 -26.23
C ALA A 424 9.65 8.93 -27.47
N VAL A 425 8.74 9.91 -27.35
CA VAL A 425 7.92 10.41 -28.50
C VAL A 425 8.05 11.92 -28.59
N ASP A 426 8.45 12.41 -29.75
CA ASP A 426 8.65 13.86 -29.99
C ASP A 426 7.35 14.44 -30.53
N ILE A 427 6.74 15.35 -29.78
CA ILE A 427 5.43 15.96 -30.14
C ILE A 427 5.70 17.06 -31.16
N ASP A 428 6.59 17.99 -30.83
CA ASP A 428 6.85 19.22 -31.64
C ASP A 428 7.90 18.93 -32.74
N ASP A 429 8.44 17.71 -32.78
CA ASP A 429 9.47 17.30 -33.78
C ASP A 429 10.71 18.21 -33.63
N ASN A 430 11.08 18.58 -32.40
CA ASN A 430 12.30 19.36 -32.11
C ASN A 430 13.54 18.47 -32.12
N GLY A 431 13.36 17.14 -32.20
CA GLY A 431 14.44 16.13 -32.15
C GLY A 431 14.63 15.54 -30.75
N TYR A 432 13.76 15.86 -29.79
CA TYR A 432 13.86 15.36 -28.40
C TYR A 432 12.52 14.81 -27.93
N PRO A 433 12.52 13.70 -27.16
CA PRO A 433 11.29 13.13 -26.62
C PRO A 433 10.62 14.07 -25.61
N ASP A 434 9.29 14.06 -25.59
CA ASP A 434 8.47 14.97 -24.77
C ASP A 434 7.77 14.16 -23.68
N LEU A 435 7.94 14.56 -22.43
CA LEU A 435 7.50 13.76 -21.27
C LEU A 435 6.10 14.19 -20.88
N ILE A 436 5.16 13.26 -21.05
CA ILE A 436 3.73 13.54 -20.76
C ILE A 436 3.40 12.77 -19.49
N VAL A 437 2.71 13.44 -18.58
CA VAL A 437 2.58 12.99 -17.17
C VAL A 437 1.10 13.06 -16.81
N GLY A 438 0.57 11.93 -16.36
CA GLY A 438 -0.88 11.77 -16.17
C GLY A 438 -1.29 11.91 -14.72
N ALA A 439 -1.34 13.15 -14.25
CA ALA A 439 -1.92 13.45 -12.90
C ALA A 439 -3.42 13.18 -12.92
N TYR A 440 -3.84 11.95 -12.68
CA TYR A 440 -5.26 11.54 -12.83
C TYR A 440 -6.14 12.25 -11.80
N GLY A 441 -5.67 12.44 -10.57
CA GLY A 441 -6.52 12.90 -9.45
C GLY A 441 -7.11 14.27 -9.74
N ALA A 442 -6.34 15.13 -10.42
CA ALA A 442 -6.76 16.49 -10.84
C ALA A 442 -7.41 16.48 -12.23
N ASN A 443 -7.62 15.30 -12.84
CA ASN A 443 -8.25 15.16 -14.18
C ASN A 443 -7.50 16.04 -15.19
N GLN A 444 -6.19 16.15 -15.04
CA GLN A 444 -5.37 16.93 -15.98
C GLN A 444 -4.15 16.10 -16.40
N VAL A 445 -3.53 16.55 -17.48
CA VAL A 445 -2.27 15.93 -17.96
C VAL A 445 -1.31 17.08 -18.20
N ALA A 446 -0.09 16.90 -17.74
CA ALA A 446 0.96 17.91 -17.92
C ALA A 446 1.91 17.36 -18.97
N VAL A 447 2.12 18.13 -20.02
CA VAL A 447 3.21 17.83 -20.98
C VAL A 447 4.35 18.79 -20.73
N TYR A 448 5.53 18.22 -20.48
CA TYR A 448 6.80 18.96 -20.38
C TYR A 448 7.61 18.64 -21.64
N ARG A 449 7.97 19.69 -22.37
CA ARG A 449 8.81 19.60 -23.58
C ARG A 449 10.24 19.77 -23.09
N ALA A 450 10.87 18.66 -22.71
CA ALA A 450 12.18 18.68 -22.03
C ALA A 450 13.24 19.26 -22.98
N GLN A 451 13.78 20.45 -22.65
CA GLN A 451 14.99 20.99 -23.31
C GLN A 451 16.21 20.53 -22.51
N PRO A 452 17.16 19.78 -23.13
CA PRO A 452 18.37 19.31 -22.44
C PRO A 452 19.23 20.46 -21.89
N SER B 59 15.29 22.86 64.19
CA SER B 59 14.47 22.39 63.04
C SER B 59 14.41 20.87 63.05
N GLU B 60 13.28 20.29 63.47
CA GLU B 60 13.08 18.82 63.50
C GLU B 60 11.92 18.45 62.58
N ALA B 61 12.09 17.36 61.82
CA ALA B 61 11.08 16.87 60.85
C ALA B 61 10.53 15.57 61.41
N ARG B 62 9.36 15.65 62.05
CA ARG B 62 8.66 14.49 62.65
C ARG B 62 7.94 13.73 61.52
N VAL B 63 8.23 12.44 61.40
CA VAL B 63 7.59 11.55 60.39
C VAL B 63 6.21 11.17 60.95
N LEU B 64 5.14 11.42 60.19
CA LEU B 64 3.75 11.19 60.66
C LEU B 64 3.19 9.91 60.03
N GLU B 65 3.16 9.83 58.70
CA GLU B 65 2.65 8.64 57.98
C GLU B 65 3.80 8.00 57.21
N ASP B 66 4.22 6.79 57.60
CA ASP B 66 5.48 6.15 57.15
C ASP B 66 5.20 4.72 56.69
N ARG B 67 4.04 4.49 56.10
CA ARG B 67 3.63 3.13 55.66
C ARG B 67 4.67 2.62 54.65
N PRO B 68 5.11 1.35 54.78
CA PRO B 68 6.17 0.82 53.93
C PRO B 68 5.72 0.70 52.46
N LEU B 69 6.67 0.78 51.54
CA LEU B 69 6.43 0.65 50.08
C LEU B 69 5.92 -0.75 49.78
N SER B 70 4.93 -0.87 48.91
CA SER B 70 4.50 -2.19 48.51
C SER B 70 5.56 -2.70 47.56
N ASP B 71 5.51 -3.98 47.21
CA ASP B 71 6.57 -4.55 46.39
C ASP B 71 6.07 -5.15 45.09
N LYS B 72 4.76 -5.17 44.90
CA LYS B 72 4.20 -5.71 43.67
C LYS B 72 4.96 -5.21 42.45
N GLN B 79 -2.71 -1.35 49.57
CA GLN B 79 -2.39 0.03 49.90
C GLN B 79 -1.62 0.71 48.78
N VAL B 80 -0.99 -0.08 47.93
CA VAL B 80 -0.19 0.48 46.84
C VAL B 80 0.61 1.68 47.33
N THR B 81 1.19 1.56 48.52
CA THR B 81 1.98 2.65 49.05
C THR B 81 3.17 2.88 48.14
N GLN B 82 3.02 3.82 47.21
CA GLN B 82 4.12 4.04 46.23
C GLN B 82 5.12 5.09 46.73
N VAL B 83 4.76 5.88 47.74
CA VAL B 83 5.67 6.91 48.32
C VAL B 83 5.77 6.68 49.82
N SER B 84 6.99 6.67 50.35
CA SER B 84 7.26 6.48 51.80
C SER B 84 8.36 7.43 52.23
N PRO B 85 8.22 8.14 53.39
CA PRO B 85 6.97 8.23 54.15
C PRO B 85 5.86 9.05 53.45
N GLN B 86 4.65 9.01 53.98
CA GLN B 86 3.45 9.62 53.34
C GLN B 86 3.20 11.01 53.91
N ARG B 87 3.32 11.21 55.23
CA ARG B 87 3.01 12.53 55.85
C ARG B 87 4.16 12.94 56.77
N ILE B 88 4.58 14.19 56.66
CA ILE B 88 5.73 14.75 57.43
C ILE B 88 5.32 16.11 58.00
N ALA B 89 5.65 16.33 59.28
CA ALA B 89 5.58 17.63 59.95
C ALA B 89 6.99 18.21 60.02
N LEU B 90 7.20 19.38 59.40
CA LEU B 90 8.51 20.07 59.35
C LEU B 90 8.43 21.32 60.23
N ARG B 91 9.27 21.39 61.25
CA ARG B 91 9.35 22.55 62.17
C ARG B 91 10.60 23.35 61.81
N LEU B 92 10.46 24.66 61.63
CA LEU B 92 11.58 25.53 61.18
C LEU B 92 11.66 26.79 62.04
N ARG B 93 12.89 27.26 62.21
CA ARG B 93 13.20 28.58 62.80
C ARG B 93 13.56 29.54 61.67
N PRO B 94 13.47 30.86 61.92
CA PRO B 94 13.86 31.88 60.94
C PRO B 94 15.25 31.63 60.34
N ASP B 95 15.36 31.82 59.03
CA ASP B 95 16.63 31.59 58.34
C ASP B 95 17.13 30.18 58.64
N ASP B 96 16.44 29.19 58.09
CA ASP B 96 16.83 27.81 58.36
C ASP B 96 16.98 26.97 57.10
N SER B 97 17.82 25.95 57.15
CA SER B 97 18.02 25.07 56.00
C SER B 97 18.02 23.64 56.50
N LYS B 98 17.41 22.73 55.76
CA LYS B 98 17.30 21.32 56.26
C LYS B 98 16.98 20.37 55.11
N ASN B 99 17.63 19.20 55.07
CA ASN B 99 17.45 18.21 53.98
C ASN B 99 16.92 16.91 54.55
N PHE B 100 15.90 16.34 53.91
CA PHE B 100 15.33 15.00 54.24
C PHE B 100 15.25 14.16 52.96
N SER B 101 15.41 12.84 53.10
CA SER B 101 15.39 11.89 51.96
C SER B 101 14.06 11.13 51.91
N ILE B 102 13.31 11.29 50.82
CA ILE B 102 12.11 10.45 50.52
C ILE B 102 12.54 9.27 49.65
N GLN B 103 11.73 8.22 49.62
CA GLN B 103 11.94 7.04 48.74
C GLN B 103 10.63 6.70 48.03
N VAL B 104 10.73 6.26 46.78
CA VAL B 104 9.56 5.99 45.90
C VAL B 104 9.80 4.68 45.15
N ARG B 105 8.73 3.90 44.96
CA ARG B 105 8.78 2.59 44.27
C ARG B 105 7.48 2.36 43.52
N GLN B 106 7.58 1.95 42.25
CA GLN B 106 6.41 1.55 41.42
C GLN B 106 5.83 0.26 42.00
N VAL B 107 4.51 0.19 42.13
CA VAL B 107 3.83 -0.99 42.75
C VAL B 107 2.82 -1.57 41.77
N GLU B 108 1.86 -0.76 41.33
CA GLU B 108 0.76 -1.28 40.48
C GLU B 108 1.31 -1.59 39.09
N ASP B 109 0.58 -2.43 38.35
CA ASP B 109 1.01 -2.98 37.03
C ASP B 109 0.98 -1.86 35.99
N TYR B 110 1.26 -2.20 34.74
CA TYR B 110 1.39 -1.21 33.66
C TYR B 110 0.15 -1.18 32.78
N PRO B 111 -0.16 -0.01 32.17
CA PRO B 111 -1.29 0.09 31.25
C PRO B 111 -0.99 -0.38 29.83
N VAL B 112 -1.96 -0.99 29.18
CA VAL B 112 -1.79 -1.54 27.81
C VAL B 112 -3.11 -1.49 27.06
N ASP B 113 -3.02 -1.25 25.75
CA ASP B 113 -4.18 -1.23 24.82
C ASP B 113 -3.86 -2.16 23.66
N ILE B 114 -4.64 -3.24 23.50
CA ILE B 114 -4.45 -4.22 22.39
C ILE B 114 -5.56 -4.00 21.37
N TYR B 115 -5.17 -3.79 20.11
CA TYR B 115 -6.11 -3.83 18.97
C TYR B 115 -5.83 -5.07 18.15
N TYR B 116 -6.89 -5.67 17.65
CA TYR B 116 -6.84 -6.99 16.98
C TYR B 116 -7.50 -6.89 15.60
N LEU B 117 -6.77 -7.23 14.55
CA LEU B 117 -7.30 -7.16 13.16
C LEU B 117 -7.39 -8.54 12.54
N MET B 118 -8.55 -8.87 11.98
CA MET B 118 -8.75 -10.24 11.44
C MET B 118 -9.18 -10.22 9.98
N ASP B 119 -8.59 -11.15 9.19
CA ASP B 119 -9.09 -11.56 7.84
C ASP B 119 -10.53 -12.07 7.97
N LEU B 120 -11.33 -11.89 6.93
CA LEU B 120 -12.64 -12.58 6.79
C LEU B 120 -12.81 -13.10 5.35
N SER B 121 -11.77 -13.52 4.69
CA SER B 121 -12.02 -13.97 3.35
C SER B 121 -12.34 -15.45 3.21
N TYR B 122 -13.12 -15.79 2.19
CA TYR B 122 -13.37 -17.22 1.83
C TYR B 122 -12.12 -17.98 2.29
N SER B 123 -10.97 -17.46 1.87
CA SER B 123 -9.63 -18.00 2.19
C SER B 123 -9.48 -18.11 3.67
N MET B 124 -9.59 -16.96 4.29
CA MET B 124 -9.39 -16.95 5.73
C MET B 124 -10.19 -18.14 6.26
N LYS B 125 -11.22 -18.59 5.53
CA LYS B 125 -12.12 -19.62 6.06
C LYS B 125 -11.32 -20.78 6.69
N ASP B 126 -10.35 -21.35 5.96
CA ASP B 126 -9.57 -22.53 6.46
C ASP B 126 -9.21 -22.37 7.94
N ASP B 127 -8.76 -21.16 8.33
CA ASP B 127 -8.15 -20.91 9.67
C ASP B 127 -8.98 -19.90 10.45
N LEU B 128 -10.24 -19.69 10.07
CA LEU B 128 -11.08 -18.65 10.72
C LEU B 128 -11.04 -18.85 12.23
N TRP B 129 -11.49 -20.02 12.69
CA TRP B 129 -11.49 -20.41 14.13
C TRP B 129 -10.15 -20.03 14.76
N SER B 130 -9.05 -20.38 14.09
CA SER B 130 -7.67 -20.08 14.56
C SER B 130 -7.59 -18.63 15.02
N ILE B 131 -7.85 -17.68 14.13
CA ILE B 131 -7.64 -16.23 14.42
C ILE B 131 -8.55 -15.82 15.58
N GLN B 132 -9.76 -16.39 15.65
CA GLN B 132 -10.70 -16.12 16.77
C GLN B 132 -10.02 -16.45 18.10
N ASN B 133 -9.40 -17.63 18.21
CA ASN B 133 -8.64 -18.03 19.43
C ASN B 133 -7.59 -16.96 19.71
N LEU B 134 -6.82 -16.56 18.69
CA LEU B 134 -5.69 -15.61 18.87
C LEU B 134 -6.21 -14.34 19.52
N GLY B 135 -7.48 -13.96 19.35
CA GLY B 135 -8.07 -12.87 20.12
C GLY B 135 -8.18 -13.26 21.59
N THR B 136 -9.11 -14.16 21.90
CA THR B 136 -9.59 -14.39 23.30
C THR B 136 -8.40 -14.79 24.18
N LYS B 137 -7.64 -15.81 23.77
CA LYS B 137 -6.47 -16.33 24.54
C LYS B 137 -5.57 -15.14 24.89
N LEU B 138 -5.25 -14.31 23.89
CA LEU B 138 -4.37 -13.13 24.06
C LEU B 138 -4.87 -12.30 25.25
N ALA B 139 -6.15 -11.90 25.23
CA ALA B 139 -6.74 -11.07 26.29
C ALA B 139 -6.48 -11.75 27.64
N THR B 140 -6.82 -13.04 27.73
CA THR B 140 -6.68 -13.81 28.98
C THR B 140 -5.26 -13.63 29.50
N GLN B 141 -4.25 -13.83 28.65
CA GLN B 141 -2.83 -13.75 29.07
C GLN B 141 -2.57 -12.35 29.65
N MET B 142 -3.00 -11.30 28.95
CA MET B 142 -2.70 -9.93 29.42
C MET B 142 -3.63 -9.54 30.57
N ARG B 143 -4.67 -10.34 30.87
CA ARG B 143 -5.41 -10.20 32.16
C ARG B 143 -4.49 -10.68 33.29
N LYS B 144 -3.72 -11.73 33.05
CA LYS B 144 -2.78 -12.28 34.07
C LYS B 144 -1.49 -11.47 34.07
N LEU B 145 -1.28 -10.60 33.07
CA LEU B 145 -0.01 -9.82 32.95
C LEU B 145 -0.16 -8.41 33.53
N THR B 146 -1.36 -7.85 33.52
CA THR B 146 -1.65 -6.51 34.10
C THR B 146 -3.15 -6.35 34.33
N SER B 147 -3.53 -5.35 35.12
CA SER B 147 -4.94 -5.02 35.44
C SER B 147 -5.41 -3.83 34.59
N ASN B 148 -4.52 -2.90 34.26
CA ASN B 148 -4.86 -1.72 33.43
C ASN B 148 -4.75 -2.12 31.96
N LEU B 149 -5.79 -2.73 31.40
CA LEU B 149 -5.80 -3.17 29.99
C LEU B 149 -7.09 -2.72 29.31
N ARG B 150 -7.00 -2.39 28.03
CA ARG B 150 -8.17 -2.19 27.15
C ARG B 150 -7.93 -2.93 25.85
N ILE B 151 -9.00 -3.47 25.28
CA ILE B 151 -8.90 -4.31 24.06
C ILE B 151 -10.02 -3.93 23.09
N GLY B 152 -9.67 -3.85 21.80
CA GLY B 152 -10.60 -3.50 20.71
C GLY B 152 -10.21 -4.20 19.43
N PHE B 153 -11.10 -4.23 18.46
CA PHE B 153 -10.80 -5.03 17.24
C PHE B 153 -11.60 -4.59 16.03
N GLY B 154 -11.12 -5.06 14.89
CA GLY B 154 -11.69 -4.80 13.56
C GLY B 154 -11.45 -5.94 12.60
N ALA B 155 -12.22 -5.97 11.51
CA ALA B 155 -12.24 -7.06 10.50
C ALA B 155 -11.98 -6.48 9.13
N PHE B 156 -11.58 -7.32 8.17
CA PHE B 156 -11.31 -6.87 6.79
C PHE B 156 -11.27 -8.05 5.81
N VAL B 157 -11.53 -7.76 4.52
CA VAL B 157 -11.61 -8.76 3.43
C VAL B 157 -10.77 -8.27 2.28
N ASP B 158 -11.28 -7.32 1.56
CA ASP B 158 -10.48 -6.70 0.49
C ASP B 158 -11.13 -5.38 0.07
N LYS B 159 -10.55 -4.65 -0.87
CA LYS B 159 -11.26 -3.49 -1.46
C LYS B 159 -12.56 -3.96 -2.11
N PRO B 160 -13.71 -3.35 -1.71
CA PRO B 160 -15.01 -3.69 -2.28
C PRO B 160 -15.22 -3.11 -3.69
N VAL B 161 -14.72 -3.82 -4.70
CA VAL B 161 -14.71 -3.36 -6.12
C VAL B 161 -14.23 -4.50 -7.03
N SER B 162 -14.76 -4.58 -8.25
CA SER B 162 -14.29 -5.50 -9.31
C SER B 162 -12.86 -5.17 -9.65
N PRO B 163 -11.93 -6.15 -9.85
CA PRO B 163 -12.24 -7.57 -9.98
C PRO B 163 -12.23 -8.34 -8.67
N TYR B 164 -12.06 -7.65 -7.55
CA TYR B 164 -11.83 -8.31 -6.24
C TYR B 164 -13.15 -8.93 -5.85
N MET B 165 -14.32 -8.39 -6.20
CA MET B 165 -15.58 -9.10 -5.90
C MET B 165 -16.20 -9.58 -7.21
N TYR B 166 -17.25 -10.38 -7.03
CA TYR B 166 -18.15 -10.87 -8.08
C TYR B 166 -19.37 -9.95 -8.13
N ILE B 167 -19.69 -9.47 -9.33
CA ILE B 167 -20.76 -8.45 -9.56
C ILE B 167 -21.90 -9.01 -10.41
N SER B 168 -21.69 -10.12 -11.12
CA SER B 168 -22.74 -10.83 -11.91
C SER B 168 -22.91 -12.25 -11.37
N PRO B 169 -24.16 -12.74 -11.12
CA PRO B 169 -25.39 -11.98 -11.31
C PRO B 169 -25.53 -10.88 -10.26
N PRO B 170 -26.49 -9.93 -10.38
CA PRO B 170 -26.55 -8.79 -9.46
C PRO B 170 -26.64 -9.19 -7.99
N GLU B 171 -27.26 -10.35 -7.70
CA GLU B 171 -27.38 -10.93 -6.33
C GLU B 171 -25.99 -11.09 -5.70
N ALA B 172 -24.94 -11.19 -6.52
CA ALA B 172 -23.54 -11.30 -6.05
C ALA B 172 -23.16 -10.07 -5.22
N LEU B 173 -23.73 -8.90 -5.50
CA LEU B 173 -23.44 -7.69 -4.69
C LEU B 173 -23.94 -7.90 -3.26
N GLU B 174 -24.95 -8.75 -3.07
CA GLU B 174 -25.47 -9.10 -1.73
C GLU B 174 -24.92 -10.48 -1.31
N ASN B 175 -24.41 -11.26 -2.26
CA ASN B 175 -23.88 -12.61 -1.95
C ASN B 175 -23.01 -13.08 -3.10
N PRO B 176 -21.69 -12.76 -3.11
CA PRO B 176 -20.81 -13.20 -4.20
C PRO B 176 -20.53 -14.71 -4.20
N CYS B 177 -21.05 -15.48 -3.24
CA CYS B 177 -21.02 -16.97 -3.23
C CYS B 177 -22.26 -17.54 -3.92
N TYR B 178 -22.62 -17.02 -5.10
CA TYR B 178 -23.81 -17.44 -5.89
C TYR B 178 -23.52 -18.82 -6.51
N ASP B 179 -22.32 -18.99 -7.06
CA ASP B 179 -21.95 -20.20 -7.84
C ASP B 179 -21.92 -21.42 -6.90
N MET B 180 -21.55 -21.24 -5.64
CA MET B 180 -21.50 -22.35 -4.64
C MET B 180 -22.87 -22.49 -3.94
N LYS B 181 -23.86 -21.66 -4.29
CA LYS B 181 -25.22 -21.65 -3.68
C LYS B 181 -25.09 -21.52 -2.15
N THR B 182 -24.18 -20.65 -1.70
CA THR B 182 -23.96 -20.37 -0.26
C THR B 182 -24.11 -18.86 -0.02
N THR B 183 -24.17 -18.46 1.24
CA THR B 183 -24.33 -17.05 1.65
C THR B 183 -23.00 -16.55 2.22
N CYS B 184 -22.47 -15.49 1.64
CA CYS B 184 -21.32 -14.73 2.21
C CYS B 184 -21.66 -13.25 2.23
N LEU B 185 -21.17 -12.55 3.24
CA LEU B 185 -21.53 -11.14 3.50
C LEU B 185 -20.91 -10.30 2.39
N PRO B 186 -21.61 -9.24 1.95
CA PRO B 186 -21.07 -8.36 0.91
C PRO B 186 -19.69 -7.88 1.32
N MET B 187 -18.68 -8.20 0.52
CA MET B 187 -17.29 -7.95 0.95
C MET B 187 -16.99 -6.44 1.06
N PHE B 188 -16.17 -6.11 2.06
CA PHE B 188 -15.95 -4.76 2.61
C PHE B 188 -14.46 -4.47 2.80
N GLY B 189 -14.08 -3.21 2.67
CA GLY B 189 -12.70 -2.74 2.84
C GLY B 189 -12.23 -2.94 4.26
N TYR B 190 -12.81 -2.22 5.24
CA TYR B 190 -12.50 -2.31 6.70
C TYR B 190 -13.69 -1.86 7.54
N LYS B 191 -14.28 -2.79 8.28
CA LYS B 191 -15.44 -2.52 9.16
C LYS B 191 -14.95 -2.63 10.60
N HIS B 192 -14.52 -1.51 11.18
CA HIS B 192 -14.16 -1.37 12.62
C HIS B 192 -15.34 -1.82 13.45
N VAL B 193 -15.14 -2.78 14.34
CA VAL B 193 -16.28 -3.39 15.07
C VAL B 193 -16.31 -2.86 16.50
N LEU B 194 -15.27 -3.11 17.30
CA LEU B 194 -15.29 -2.78 18.75
C LEU B 194 -14.24 -1.74 19.09
N THR B 195 -14.69 -0.63 19.65
CA THR B 195 -13.83 0.40 20.31
C THR B 195 -13.16 -0.22 21.54
N LEU B 196 -11.92 0.18 21.82
CA LEU B 196 -11.13 -0.33 22.97
C LEU B 196 -11.89 -0.10 24.25
N THR B 197 -12.03 -1.13 25.06
CA THR B 197 -12.74 -1.06 26.34
C THR B 197 -12.19 -2.06 27.34
N ASP B 198 -12.35 -1.75 28.61
CA ASP B 198 -12.00 -2.66 29.72
C ASP B 198 -13.00 -3.83 29.73
N GLN B 199 -14.14 -3.70 29.05
CA GLN B 199 -15.16 -4.78 28.94
C GLN B 199 -14.62 -5.83 27.95
N VAL B 200 -13.75 -6.70 28.44
CA VAL B 200 -13.11 -7.77 27.61
C VAL B 200 -14.18 -8.76 27.14
N THR B 201 -15.20 -9.02 27.96
CA THR B 201 -16.33 -9.94 27.66
C THR B 201 -17.00 -9.51 26.35
N ARG B 202 -17.29 -8.21 26.23
CA ARG B 202 -17.95 -7.64 25.02
C ARG B 202 -17.01 -7.83 23.83
N PHE B 203 -15.71 -7.61 24.02
CA PHE B 203 -14.71 -7.81 22.94
C PHE B 203 -14.73 -9.26 22.45
N ASN B 204 -14.74 -10.23 23.37
CA ASN B 204 -14.77 -11.66 23.03
C ASN B 204 -16.04 -11.96 22.22
N GLU B 205 -17.20 -11.49 22.73
CA GLU B 205 -18.52 -11.77 22.09
C GLU B 205 -18.52 -11.19 20.67
N GLU B 206 -18.01 -9.98 20.50
CA GLU B 206 -18.03 -9.30 19.17
C GLU B 206 -17.02 -9.96 18.24
N VAL B 207 -15.90 -10.46 18.76
CA VAL B 207 -14.88 -11.14 17.92
C VAL B 207 -15.48 -12.45 17.38
N LYS B 208 -16.09 -13.25 18.24
CA LYS B 208 -16.68 -14.55 17.85
C LYS B 208 -17.78 -14.34 16.80
N LYS B 209 -18.49 -13.21 16.85
CA LYS B 209 -19.65 -12.92 15.97
C LYS B 209 -19.20 -12.75 14.51
N GLN B 210 -17.97 -12.32 14.27
CA GLN B 210 -17.48 -12.07 12.87
C GLN B 210 -17.52 -13.37 12.07
N SER B 211 -17.85 -13.28 10.79
CA SER B 211 -17.94 -14.45 9.88
C SER B 211 -17.32 -14.12 8.51
N VAL B 212 -17.23 -15.15 7.69
CA VAL B 212 -16.42 -15.17 6.44
C VAL B 212 -17.15 -14.38 5.35
N SER B 213 -16.39 -13.66 4.54
CA SER B 213 -16.82 -13.03 3.26
C SER B 213 -16.06 -13.63 2.09
N ARG B 214 -16.26 -13.10 0.88
CA ARG B 214 -15.66 -13.67 -0.37
C ARG B 214 -15.06 -12.57 -1.21
N ASN B 215 -13.97 -12.86 -1.88
CA ASN B 215 -13.42 -11.96 -2.90
C ASN B 215 -12.93 -12.88 -4.01
N ARG B 216 -12.19 -12.35 -5.00
CA ARG B 216 -11.74 -13.19 -6.14
C ARG B 216 -10.30 -13.64 -5.92
N ASP B 217 -9.34 -12.71 -5.85
CA ASP B 217 -7.89 -13.04 -5.86
C ASP B 217 -7.35 -13.40 -4.46
N ALA B 218 -6.19 -14.08 -4.42
CA ALA B 218 -5.59 -14.66 -3.19
C ALA B 218 -5.13 -13.57 -2.22
N PRO B 219 -4.35 -12.57 -2.65
CA PRO B 219 -3.96 -11.52 -1.72
C PRO B 219 -5.15 -10.74 -1.13
N GLU B 220 -5.05 -10.25 0.10
CA GLU B 220 -6.14 -9.51 0.79
C GLU B 220 -5.59 -8.21 1.37
N GLY B 221 -6.45 -7.22 1.58
CA GLY B 221 -6.07 -5.87 2.06
C GLY B 221 -5.96 -5.75 3.58
N GLY B 222 -4.90 -6.29 4.17
CA GLY B 222 -4.71 -6.20 5.63
C GLY B 222 -4.09 -4.89 6.04
N PHE B 223 -3.29 -4.34 5.16
CA PHE B 223 -2.54 -3.11 5.45
C PHE B 223 -3.53 -1.96 5.57
N ASP B 224 -4.60 -1.95 4.76
CA ASP B 224 -5.70 -0.95 4.88
C ASP B 224 -6.31 -1.05 6.28
N ALA B 225 -6.57 -2.27 6.71
CA ALA B 225 -7.17 -2.56 8.03
C ALA B 225 -6.26 -2.05 9.16
N ILE B 226 -4.96 -2.29 9.08
CA ILE B 226 -4.00 -1.85 10.14
C ILE B 226 -3.99 -0.33 10.12
N MET B 227 -3.93 0.28 8.93
CA MET B 227 -3.83 1.75 8.87
C MET B 227 -5.07 2.37 9.51
N GLN B 228 -6.25 1.81 9.29
CA GLN B 228 -7.50 2.37 9.88
C GLN B 228 -7.66 1.92 11.32
N ALA B 229 -6.92 0.91 11.77
CA ALA B 229 -6.95 0.50 13.21
C ALA B 229 -6.13 1.49 14.03
N THR B 230 -5.00 1.93 13.51
CA THR B 230 -4.11 2.83 14.27
C THR B 230 -4.44 4.30 13.98
N VAL B 231 -5.02 4.63 12.84
CA VAL B 231 -4.94 6.04 12.32
C VAL B 231 -5.90 6.94 13.11
N CYS B 232 -6.93 6.38 13.75
CA CYS B 232 -7.84 7.16 14.64
C CYS B 232 -7.94 6.54 16.02
N ASP B 233 -8.19 7.41 16.99
CA ASP B 233 -8.17 7.10 18.44
C ASP B 233 -9.58 7.05 18.99
N GLU B 234 -10.39 8.07 18.71
CA GLU B 234 -11.71 8.27 19.37
C GLU B 234 -12.61 7.08 18.99
N LYS B 235 -12.59 6.69 17.72
CA LYS B 235 -13.34 5.52 17.20
C LYS B 235 -12.83 4.23 17.85
N ILE B 236 -11.53 4.17 18.11
CA ILE B 236 -10.85 2.91 18.52
C ILE B 236 -10.71 2.89 20.03
N GLY B 237 -10.37 4.01 20.66
CA GLY B 237 -10.47 4.17 22.12
C GLY B 237 -9.17 3.86 22.85
N TRP B 238 -8.05 4.40 22.37
CA TRP B 238 -6.73 4.23 23.01
C TRP B 238 -6.64 5.09 24.26
N ARG B 239 -5.51 4.99 24.98
CA ARG B 239 -5.18 5.85 26.12
C ARG B 239 -3.77 6.43 25.90
N ASN B 240 -3.60 7.73 26.05
CA ASN B 240 -2.29 8.41 25.83
C ASN B 240 -1.27 7.86 26.83
N ASP B 241 -1.67 7.69 28.10
CA ASP B 241 -0.78 7.24 29.20
C ASP B 241 -0.75 5.71 29.27
N ALA B 242 -0.49 5.04 28.15
CA ALA B 242 -0.41 3.58 28.07
C ALA B 242 0.42 3.14 26.86
N SER B 243 0.82 1.87 26.85
CA SER B 243 1.47 1.20 25.70
C SER B 243 0.40 0.66 24.75
N HIS B 244 0.77 0.48 23.49
CA HIS B 244 -0.18 0.07 22.44
C HIS B 244 0.37 -1.14 21.68
N LEU B 245 -0.44 -2.18 21.54
CA LEU B 245 -0.05 -3.41 20.81
C LEU B 245 -1.10 -3.71 19.75
N LEU B 246 -0.65 -4.15 18.58
CA LEU B 246 -1.52 -4.40 17.40
C LEU B 246 -1.24 -5.79 16.83
N VAL B 247 -2.19 -6.68 16.96
CA VAL B 247 -2.03 -8.09 16.54
C VAL B 247 -2.84 -8.29 15.24
N PHE B 248 -2.16 -8.69 14.17
CA PHE B 248 -2.75 -8.78 12.81
C PHE B 248 -2.80 -10.23 12.35
N THR B 249 -3.94 -10.69 11.86
CA THR B 249 -4.11 -12.09 11.42
C THR B 249 -4.18 -12.14 9.90
N THR B 250 -3.96 -13.33 9.36
CA THR B 250 -4.08 -13.64 7.92
C THR B 250 -3.71 -15.11 7.76
N ASP B 251 -3.98 -15.66 6.58
CA ASP B 251 -3.41 -16.97 6.21
C ASP B 251 -2.81 -16.92 4.81
N ALA B 252 -3.07 -15.88 4.02
CA ALA B 252 -2.47 -15.83 2.69
C ALA B 252 -1.72 -14.52 2.47
N LYS B 253 -1.23 -14.33 1.27
CA LYS B 253 -0.36 -13.21 0.93
C LYS B 253 -1.22 -12.00 1.23
N THR B 254 -0.63 -10.83 1.34
CA THR B 254 -1.41 -9.63 1.69
C THR B 254 -1.35 -8.68 0.50
N HIS B 255 -2.51 -8.14 0.15
CA HIS B 255 -2.61 -7.00 -0.78
C HIS B 255 -1.79 -5.86 -0.22
N ILE B 256 -0.80 -5.43 -0.95
CA ILE B 256 0.03 -4.31 -0.48
C ILE B 256 -0.27 -3.14 -1.40
N ALA B 257 0.34 -2.00 -1.14
CA ALA B 257 0.19 -0.78 -1.97
C ALA B 257 0.43 -1.17 -3.44
N LEU B 258 -0.38 -0.62 -4.30
CA LEU B 258 -0.32 -0.74 -5.76
C LEU B 258 -1.04 -2.02 -6.24
N ASP B 259 -1.57 -2.83 -5.34
CA ASP B 259 -2.43 -3.98 -5.73
C ASP B 259 -3.79 -3.53 -6.28
N GLY B 260 -4.40 -2.48 -5.70
CA GLY B 260 -5.76 -2.04 -6.05
C GLY B 260 -5.88 -1.48 -7.44
N ARG B 261 -4.78 -1.17 -8.16
CA ARG B 261 -4.81 -0.63 -9.57
C ARG B 261 -5.54 -1.61 -10.50
N LEU B 262 -5.65 -2.90 -10.13
CA LEU B 262 -6.47 -3.88 -10.87
C LEU B 262 -7.94 -3.51 -10.77
N ALA B 263 -8.36 -2.71 -9.79
CA ALA B 263 -9.78 -2.33 -9.58
C ALA B 263 -10.01 -0.84 -9.82
N GLY B 264 -9.07 -0.16 -10.47
CA GLY B 264 -9.22 1.25 -10.85
C GLY B 264 -8.85 2.21 -9.73
N ILE B 265 -8.42 1.74 -8.55
CA ILE B 265 -8.05 2.63 -7.40
C ILE B 265 -6.59 3.00 -7.52
N VAL B 266 -6.34 4.29 -7.60
CA VAL B 266 -4.97 4.79 -7.81
C VAL B 266 -4.71 5.94 -6.82
N GLN B 267 -5.53 6.27 -5.89
CA GLN B 267 -5.29 7.26 -4.81
C GLN B 267 -4.79 6.49 -3.60
N PRO B 268 -3.69 6.77 -2.97
CA PRO B 268 -3.14 6.04 -1.85
C PRO B 268 -4.00 6.05 -0.58
N ASN B 269 -3.54 5.34 0.45
CA ASN B 269 -4.09 5.44 1.83
C ASN B 269 -3.23 6.46 2.59
N ASP B 270 -3.84 7.54 3.07
CA ASP B 270 -3.11 8.63 3.77
C ASP B 270 -3.24 8.39 5.29
N GLY B 271 -2.58 9.23 6.08
CA GLY B 271 -2.57 9.12 7.56
C GLY B 271 -3.76 9.81 8.19
N GLN B 272 -4.97 9.56 7.69
N GLN B 272 -4.97 9.55 7.70
CA GLN B 272 -6.21 10.15 8.24
CA GLN B 272 -6.21 10.15 8.24
C GLN B 272 -7.23 9.02 8.44
C GLN B 272 -7.25 9.04 8.41
N CYS B 273 -8.20 9.25 9.32
CA CYS B 273 -9.25 8.25 9.61
C CYS B 273 -10.44 8.55 8.72
N HIS B 274 -10.92 7.52 8.05
CA HIS B 274 -12.09 7.58 7.16
C HIS B 274 -13.13 6.60 7.69
N VAL B 275 -13.27 6.47 9.00
CA VAL B 275 -14.46 5.78 9.57
C VAL B 275 -15.37 6.81 10.26
N GLY B 276 -16.66 6.84 9.91
CA GLY B 276 -17.66 7.77 10.49
C GLY B 276 -19.03 7.14 10.66
N SER B 277 -19.54 7.00 11.89
CA SER B 277 -20.95 6.65 12.22
C SER B 277 -21.28 5.22 11.79
N ASP B 278 -21.22 4.94 10.48
CA ASP B 278 -21.57 3.62 9.90
C ASP B 278 -20.58 2.53 10.33
N ASN B 279 -19.43 2.88 10.93
CA ASN B 279 -18.36 1.94 11.34
C ASN B 279 -17.82 1.19 10.09
N HIS B 280 -17.63 1.92 9.00
CA HIS B 280 -17.01 1.39 7.76
C HIS B 280 -15.91 2.31 7.29
N TYR B 281 -14.94 1.76 6.59
CA TYR B 281 -13.87 2.52 5.93
C TYR B 281 -14.51 3.18 4.71
N SER B 282 -15.06 4.36 4.88
CA SER B 282 -15.86 5.06 3.84
C SER B 282 -15.05 5.16 2.54
N ALA B 283 -13.80 5.61 2.63
CA ALA B 283 -12.96 5.91 1.44
C ALA B 283 -12.25 4.64 0.97
N SER B 284 -12.72 3.46 1.37
CA SER B 284 -12.10 2.17 0.96
C SER B 284 -12.02 2.11 -0.57
N THR B 285 -13.13 2.36 -1.26
CA THR B 285 -13.26 2.11 -2.72
C THR B 285 -12.48 3.14 -3.52
N THR B 286 -12.00 4.20 -2.89
CA THR B 286 -11.33 5.32 -3.61
C THR B 286 -9.90 5.50 -3.11
N MET B 287 -9.48 4.78 -2.08
CA MET B 287 -8.12 4.91 -1.51
C MET B 287 -7.40 3.58 -1.69
N ASP B 288 -6.25 3.51 -2.17
CA ASP B 288 -5.43 2.31 -2.42
C ASP B 288 -4.98 1.70 -1.08
N TYR B 289 -4.27 0.63 -1.15
CA TYR B 289 -3.72 0.03 0.06
C TYR B 289 -2.52 0.83 0.52
N PRO B 290 -2.12 0.66 1.80
CA PRO B 290 -0.99 1.41 2.33
C PRO B 290 0.32 0.60 2.29
N SER B 291 1.41 1.34 2.09
CA SER B 291 2.75 0.76 1.92
C SER B 291 3.32 0.46 3.30
N LEU B 292 4.45 -0.25 3.38
CA LEU B 292 5.06 -0.65 4.70
C LEU B 292 5.59 0.59 5.42
N GLY B 293 6.12 1.56 4.68
CA GLY B 293 6.65 2.81 5.24
C GLY B 293 5.62 3.57 6.05
N LEU B 294 4.46 3.84 5.46
CA LEU B 294 3.41 4.63 6.15
C LEU B 294 2.86 3.78 7.29
N MET B 295 2.83 2.46 7.10
CA MET B 295 2.49 1.51 8.18
C MET B 295 3.42 1.78 9.39
N THR B 296 4.75 1.76 9.18
CA THR B 296 5.77 1.97 10.24
C THR B 296 5.58 3.35 10.87
N GLU B 297 5.35 4.38 10.05
CA GLU B 297 5.19 5.77 10.51
C GLU B 297 4.04 5.82 11.52
N LYS B 298 2.91 5.24 11.16
CA LYS B 298 1.69 5.30 12.00
C LYS B 298 1.87 4.40 13.22
N LEU B 299 2.58 3.27 13.11
CA LEU B 299 2.81 2.39 14.29
C LEU B 299 3.72 3.11 15.31
N SER B 300 4.80 3.74 14.85
CA SER B 300 5.82 4.36 15.73
C SER B 300 5.27 5.66 16.32
N GLN B 301 4.68 6.52 15.48
CA GLN B 301 4.19 7.88 15.87
C GLN B 301 3.17 7.73 16.99
N LYS B 302 2.33 6.71 16.90
CA LYS B 302 1.29 6.44 17.92
C LYS B 302 1.81 5.49 19.00
N ASN B 303 3.07 5.06 18.91
CA ASN B 303 3.69 4.17 19.91
C ASN B 303 2.90 2.85 19.92
N ILE B 304 2.82 2.19 18.77
CA ILE B 304 2.13 0.88 18.60
C ILE B 304 3.16 -0.16 18.17
N ASN B 305 3.21 -1.27 18.90
CA ASN B 305 4.12 -2.41 18.60
C ASN B 305 3.30 -3.48 17.88
N LEU B 306 3.76 -3.92 16.70
CA LEU B 306 2.99 -4.80 15.80
C LEU B 306 3.46 -6.25 15.95
N ILE B 307 2.50 -7.16 15.93
CA ILE B 307 2.78 -8.61 15.90
C ILE B 307 1.97 -9.25 14.78
N PHE B 308 2.64 -9.67 13.70
CA PHE B 308 2.05 -10.44 12.57
C PHE B 308 1.82 -11.87 13.05
N ALA B 309 0.60 -12.22 13.37
CA ALA B 309 0.26 -13.59 13.79
C ALA B 309 -0.29 -14.31 12.57
N VAL B 310 0.51 -15.13 11.92
CA VAL B 310 0.17 -15.64 10.57
C VAL B 310 0.32 -17.16 10.57
N THR B 311 -0.26 -17.80 9.56
CA THR B 311 -0.27 -19.28 9.45
C THR B 311 1.12 -19.73 8.99
N GLU B 312 1.49 -20.93 9.43
CA GLU B 312 2.83 -21.54 9.17
C GLU B 312 3.04 -21.80 7.68
N ASN B 313 1.98 -21.75 6.87
CA ASN B 313 2.02 -22.07 5.42
C ASN B 313 3.10 -21.22 4.75
N VAL B 314 3.09 -19.92 4.99
CA VAL B 314 4.05 -18.98 4.36
C VAL B 314 4.57 -18.05 5.46
N VAL B 315 4.76 -18.60 6.64
CA VAL B 315 5.26 -17.81 7.82
C VAL B 315 6.58 -17.10 7.48
N ASN B 316 7.38 -17.66 6.55
CA ASN B 316 8.65 -17.06 6.12
C ASN B 316 8.34 -15.69 5.51
N LEU B 317 7.23 -15.59 4.79
CA LEU B 317 6.84 -14.34 4.09
C LEU B 317 6.72 -13.25 5.16
N TYR B 318 6.06 -13.57 6.26
CA TYR B 318 5.79 -12.57 7.33
C TYR B 318 7.03 -12.40 8.21
N GLN B 319 7.91 -13.41 8.34
CA GLN B 319 9.22 -13.23 9.05
C GLN B 319 10.03 -12.20 8.27
N ASN B 320 10.05 -12.30 6.96
CA ASN B 320 10.74 -11.33 6.09
C ASN B 320 10.05 -9.98 6.27
N TYR B 321 8.71 -9.99 6.34
CA TYR B 321 7.90 -8.75 6.50
C TYR B 321 8.29 -8.04 7.81
N SER B 322 8.38 -8.80 8.89
CA SER B 322 8.76 -8.29 10.22
C SER B 322 10.21 -7.78 10.16
N GLU B 323 11.12 -8.45 9.47
CA GLU B 323 12.49 -7.94 9.24
C GLU B 323 12.38 -6.59 8.52
N LEU B 324 11.34 -6.41 7.70
CA LEU B 324 11.15 -5.18 6.91
C LEU B 324 10.63 -4.03 7.80
N ILE B 325 9.88 -4.32 8.86
CA ILE B 325 9.36 -3.27 9.77
C ILE B 325 10.16 -3.29 11.06
N PRO B 326 10.91 -2.21 11.39
CA PRO B 326 11.61 -2.12 12.68
C PRO B 326 10.65 -2.31 13.85
N GLY B 327 11.01 -3.23 14.76
CA GLY B 327 10.37 -3.35 16.08
C GLY B 327 9.24 -4.36 16.11
N THR B 328 8.71 -4.76 14.95
CA THR B 328 7.58 -5.70 14.94
C THR B 328 8.10 -7.13 15.05
N THR B 329 7.20 -8.05 15.37
CA THR B 329 7.54 -9.47 15.55
C THR B 329 6.55 -10.35 14.78
N VAL B 330 6.87 -11.64 14.60
CA VAL B 330 5.94 -12.58 13.91
C VAL B 330 5.77 -13.86 14.70
N GLY B 331 4.50 -14.23 14.87
CA GLY B 331 4.09 -15.47 15.51
C GLY B 331 3.45 -16.40 14.51
N VAL B 332 3.60 -17.70 14.72
CA VAL B 332 2.94 -18.76 13.90
C VAL B 332 1.51 -18.92 14.42
N LEU B 333 0.57 -18.20 13.80
CA LEU B 333 -0.88 -18.39 14.05
C LEU B 333 -1.23 -19.79 13.61
N SER B 334 -1.64 -20.63 14.54
CA SER B 334 -1.81 -22.07 14.26
C SER B 334 -2.76 -22.67 15.29
N MET B 335 -2.73 -23.99 15.47
CA MET B 335 -3.51 -24.72 16.49
C MET B 335 -3.24 -24.08 17.86
N ASP B 336 -2.00 -23.65 18.14
CA ASP B 336 -1.65 -22.89 19.36
C ASP B 336 -1.21 -21.47 19.00
N SER B 337 -1.01 -20.62 20.00
CA SER B 337 -0.51 -19.23 19.82
C SER B 337 0.66 -18.98 20.77
N SER B 338 1.41 -20.02 21.13
CA SER B 338 2.59 -19.90 22.03
C SER B 338 3.59 -18.91 21.41
N ASN B 339 3.86 -19.06 20.11
CA ASN B 339 4.88 -18.25 19.41
C ASN B 339 4.45 -16.77 19.39
N VAL B 340 3.16 -16.50 19.59
CA VAL B 340 2.64 -15.10 19.56
C VAL B 340 2.50 -14.57 20.98
N LEU B 341 1.96 -15.37 21.92
CA LEU B 341 1.78 -14.96 23.33
C LEU B 341 3.14 -14.76 23.99
N GLN B 342 4.13 -15.60 23.70
CA GLN B 342 5.50 -15.44 24.25
C GLN B 342 6.08 -14.12 23.72
N LEU B 343 5.79 -13.77 22.48
CA LEU B 343 6.28 -12.49 21.92
C LEU B 343 5.51 -11.31 22.53
N ILE B 344 4.23 -11.52 22.87
CA ILE B 344 3.42 -10.51 23.63
C ILE B 344 4.10 -10.20 24.96
N VAL B 345 4.41 -11.25 25.73
CA VAL B 345 5.01 -11.07 27.08
C VAL B 345 6.44 -10.55 26.91
N ASP B 346 7.12 -10.89 25.81
CA ASP B 346 8.47 -10.36 25.49
C ASP B 346 8.34 -8.83 25.38
N ALA B 347 7.44 -8.36 24.53
CA ALA B 347 7.23 -6.91 24.31
C ALA B 347 6.82 -6.26 25.63
N TYR B 348 6.06 -6.99 26.47
CA TYR B 348 5.66 -6.52 27.83
C TYR B 348 6.89 -6.40 28.74
N GLY B 349 7.93 -7.21 28.52
CA GLY B 349 9.17 -7.18 29.32
C GLY B 349 9.97 -5.91 29.09
N LYS B 350 9.75 -5.19 27.99
CA LYS B 350 10.61 -4.06 27.55
C LYS B 350 10.02 -2.71 27.98
N ILE B 351 8.84 -2.69 28.61
CA ILE B 351 8.16 -1.43 29.04
C ILE B 351 8.95 -0.84 30.21
N ARG B 352 9.40 0.40 30.05
CA ARG B 352 10.17 1.14 31.07
C ARG B 352 9.34 2.37 31.47
N SER B 353 9.27 2.66 32.76
CA SER B 353 8.51 3.80 33.33
C SER B 353 9.45 4.93 33.70
N LYS B 354 8.89 6.04 34.16
CA LYS B 354 9.65 7.20 34.67
C LYS B 354 9.04 7.63 36.01
N VAL B 355 9.87 7.87 37.01
CA VAL B 355 9.43 8.49 38.29
C VAL B 355 9.95 9.93 38.30
N GLU B 356 9.04 10.88 38.15
CA GLU B 356 9.32 12.34 38.14
C GLU B 356 8.41 13.00 39.16
N LEU B 357 8.93 13.96 39.90
CA LEU B 357 8.21 14.60 41.03
C LEU B 357 7.98 16.07 40.70
N GLU B 358 6.84 16.59 41.16
CA GLU B 358 6.51 18.03 41.17
C GLU B 358 6.06 18.41 42.58
N VAL B 359 6.11 19.71 42.86
CA VAL B 359 5.72 20.25 44.20
C VAL B 359 4.60 21.27 43.98
N ARG B 360 3.49 21.09 44.69
CA ARG B 360 2.28 21.95 44.56
C ARG B 360 1.93 22.56 45.92
N ASP B 361 1.24 23.70 45.88
CA ASP B 361 0.70 24.42 47.06
C ASP B 361 1.83 24.97 47.92
N LEU B 362 2.91 25.44 47.30
CA LEU B 362 4.04 26.07 48.05
C LEU B 362 4.24 27.51 47.56
N PRO B 363 4.32 28.50 48.48
CA PRO B 363 4.71 29.86 48.12
C PRO B 363 6.15 29.95 47.59
N GLU B 364 6.51 31.11 47.04
CA GLU B 364 7.82 31.36 46.37
C GLU B 364 8.92 31.62 47.42
N GLU B 365 8.56 32.15 48.60
CA GLU B 365 9.54 32.62 49.63
C GLU B 365 10.46 31.46 50.05
N LEU B 366 9.89 30.27 50.25
CA LEU B 366 10.67 29.07 50.68
C LEU B 366 11.49 28.58 49.48
N SER B 367 12.79 28.38 49.66
CA SER B 367 13.71 27.93 48.59
C SER B 367 13.94 26.43 48.72
N LEU B 368 14.05 25.72 47.59
CA LEU B 368 14.25 24.25 47.60
C LEU B 368 15.38 23.86 46.64
N SER B 369 16.06 22.78 46.97
CA SER B 369 17.06 22.08 46.13
C SER B 369 16.97 20.58 46.43
N PHE B 370 17.74 19.75 45.74
CA PHE B 370 17.63 18.28 45.90
C PHE B 370 18.90 17.59 45.36
N ASN B 371 19.15 16.38 45.85
CA ASN B 371 19.95 15.37 45.12
C ASN B 371 19.03 14.22 44.74
N ALA B 372 19.58 13.21 44.07
CA ALA B 372 18.83 11.98 43.71
C ALA B 372 19.77 10.77 43.67
N THR B 373 19.28 9.63 44.14
CA THR B 373 19.96 8.31 44.07
C THR B 373 19.00 7.33 43.41
N CYS B 374 19.36 6.82 42.23
CA CYS B 374 18.49 5.91 41.40
C CYS B 374 18.92 4.46 41.61
N LEU B 375 18.31 3.53 40.87
CA LEU B 375 18.63 2.07 40.89
C LEU B 375 20.13 1.82 40.60
N ASN B 376 20.80 2.71 39.87
CA ASN B 376 22.25 2.59 39.55
C ASN B 376 23.10 2.85 40.80
N ASN B 377 22.51 3.38 41.89
CA ASN B 377 23.21 3.72 43.15
C ASN B 377 24.29 4.79 42.90
N GLU B 378 24.10 5.66 41.90
CA GLU B 378 25.00 6.81 41.62
C GLU B 378 24.25 8.09 41.99
N VAL B 379 24.81 8.86 42.92
CA VAL B 379 24.17 10.12 43.42
C VAL B 379 24.39 11.21 42.38
N ILE B 380 23.32 11.93 42.03
CA ILE B 380 23.37 13.03 41.03
C ILE B 380 22.69 14.26 41.63
N PRO B 381 23.35 15.45 41.62
CA PRO B 381 22.70 16.70 41.99
C PRO B 381 22.06 17.42 40.80
N GLY B 382 20.84 17.92 41.00
CA GLY B 382 20.09 18.71 40.02
C GLY B 382 19.28 17.87 39.04
N LEU B 383 19.33 16.55 39.13
CA LEU B 383 18.53 15.64 38.26
C LEU B 383 17.40 15.03 39.10
N LYS B 384 16.16 15.42 38.79
CA LYS B 384 14.96 15.08 39.61
C LYS B 384 14.35 13.75 39.14
N SER B 385 14.81 13.17 38.03
CA SER B 385 14.22 11.95 37.45
C SER B 385 15.21 11.26 36.52
N CYS B 386 15.52 9.98 36.80
CA CYS B 386 16.28 9.09 35.89
C CYS B 386 15.34 8.49 34.85
N MET B 387 15.90 8.09 33.71
CA MET B 387 15.16 7.51 32.56
C MET B 387 15.21 5.99 32.65
N GLY B 388 14.07 5.33 32.54
CA GLY B 388 13.98 3.88 32.32
C GLY B 388 13.95 3.10 33.61
N LEU B 389 13.06 3.47 34.53
CA LEU B 389 12.83 2.67 35.76
C LEU B 389 11.96 1.46 35.41
N LYS B 390 11.93 0.47 36.31
CA LYS B 390 11.19 -0.79 36.12
C LYS B 390 10.22 -1.00 37.29
N ILE B 391 9.60 -2.17 37.36
CA ILE B 391 8.70 -2.55 38.49
C ILE B 391 9.57 -3.01 39.67
N GLY B 392 9.37 -2.38 40.84
CA GLY B 392 9.96 -2.79 42.12
C GLY B 392 11.19 -1.98 42.50
N ASP B 393 11.79 -1.23 41.57
CA ASP B 393 13.00 -0.41 41.86
C ASP B 393 12.64 0.72 42.84
N THR B 394 13.55 1.05 43.74
CA THR B 394 13.38 2.14 44.73
C THR B 394 14.33 3.28 44.37
N VAL B 395 13.81 4.49 44.27
CA VAL B 395 14.61 5.71 43.99
C VAL B 395 14.47 6.66 45.18
N SER B 396 15.59 7.18 45.68
CA SER B 396 15.62 8.11 46.84
C SER B 396 15.91 9.53 46.36
N PHE B 397 15.30 10.51 47.02
CA PHE B 397 15.51 11.95 46.72
C PHE B 397 15.69 12.70 48.04
N SER B 398 16.88 13.28 48.25
CA SER B 398 17.17 14.14 49.43
C SER B 398 16.84 15.59 49.06
N ILE B 399 15.71 16.11 49.54
CA ILE B 399 15.25 17.50 49.27
C ILE B 399 15.74 18.40 50.40
N GLU B 400 16.38 19.52 50.05
CA GLU B 400 16.88 20.56 50.97
C GLU B 400 15.96 21.77 50.89
N ALA B 401 15.36 22.15 52.01
CA ALA B 401 14.42 23.31 52.07
C ALA B 401 15.04 24.39 52.96
N LYS B 402 15.08 25.62 52.47
CA LYS B 402 15.63 26.78 53.22
C LYS B 402 14.53 27.83 53.35
N VAL B 403 14.28 28.22 54.58
CA VAL B 403 13.23 29.21 54.95
C VAL B 403 13.95 30.52 55.26
N ARG B 404 13.30 31.63 54.90
CA ARG B 404 13.81 33.01 55.10
C ARG B 404 12.84 33.72 56.05
N GLY B 405 13.12 33.61 57.37
CA GLY B 405 12.32 34.24 58.44
C GLY B 405 11.04 33.48 58.77
N CYS B 406 10.26 34.03 59.70
CA CYS B 406 8.96 33.45 60.15
C CYS B 406 7.82 34.22 59.52
N PRO B 407 6.97 33.59 58.66
CA PRO B 407 5.83 34.29 58.07
C PRO B 407 4.67 34.41 59.06
N GLN B 408 3.68 35.23 58.71
CA GLN B 408 2.52 35.54 59.58
C GLN B 408 1.57 34.33 59.64
N GLU B 409 1.50 33.55 58.56
CA GLU B 409 0.62 32.37 58.43
C GLU B 409 0.97 31.35 59.52
N LYS B 410 2.26 31.10 59.72
CA LYS B 410 2.82 30.31 60.86
C LYS B 410 2.51 28.81 60.68
N GLU B 411 1.67 28.43 59.70
CA GLU B 411 1.34 27.01 59.45
C GLU B 411 0.98 26.83 57.97
N LYS B 412 1.82 26.14 57.21
CA LYS B 412 1.60 25.86 55.76
C LYS B 412 1.37 24.36 55.55
N SER B 413 0.75 24.02 54.42
CA SER B 413 0.55 22.63 53.97
C SER B 413 0.71 22.57 52.45
N PHE B 414 1.50 21.63 51.96
CA PHE B 414 1.75 21.47 50.50
C PHE B 414 1.89 20.00 50.15
N THR B 415 2.05 19.72 48.87
CA THR B 415 2.10 18.34 48.32
C THR B 415 3.33 18.17 47.46
N ILE B 416 3.90 16.97 47.50
CA ILE B 416 4.93 16.51 46.54
C ILE B 416 4.35 15.31 45.81
N LYS B 417 4.02 15.48 44.54
CA LYS B 417 3.33 14.44 43.74
C LYS B 417 4.33 13.89 42.73
N PRO B 418 4.63 12.58 42.75
CA PRO B 418 5.29 11.94 41.62
C PRO B 418 4.37 11.96 40.39
N VAL B 419 4.92 12.32 39.24
CA VAL B 419 4.14 12.52 37.98
C VAL B 419 3.51 11.18 37.60
N GLY B 420 2.19 11.18 37.43
CA GLY B 420 1.41 9.98 37.09
C GLY B 420 1.11 9.10 38.29
N PHE B 421 1.48 9.52 39.50
CA PHE B 421 1.15 8.78 40.75
C PHE B 421 0.04 9.53 41.49
N LYS B 422 -1.09 8.87 41.72
CA LYS B 422 -2.23 9.46 42.48
C LYS B 422 -1.81 9.70 43.94
N ASP B 423 -0.91 8.89 44.48
CA ASP B 423 -0.37 9.05 45.86
C ASP B 423 0.57 10.27 45.88
N SER B 424 0.68 10.94 47.03
CA SER B 424 1.52 12.15 47.18
C SER B 424 1.99 12.30 48.63
N LEU B 425 3.12 12.99 48.80
CA LEU B 425 3.67 13.37 50.12
C LEU B 425 3.02 14.68 50.56
N ILE B 426 2.10 14.62 51.51
CA ILE B 426 1.45 15.83 52.08
C ILE B 426 2.29 16.28 53.26
N VAL B 427 2.83 17.50 53.17
CA VAL B 427 3.77 18.02 54.21
C VAL B 427 3.08 19.18 54.92
N GLN B 428 3.03 19.11 56.25
CA GLN B 428 2.57 20.20 57.14
C GLN B 428 3.80 20.85 57.74
N VAL B 429 3.90 22.18 57.68
CA VAL B 429 5.09 22.93 58.14
C VAL B 429 4.66 23.97 59.17
N THR B 430 5.38 24.00 60.30
CA THR B 430 5.19 25.00 61.38
C THR B 430 6.53 25.70 61.64
N PHE B 431 6.47 26.98 61.98
CA PHE B 431 7.66 27.81 62.31
C PHE B 431 7.58 28.26 63.76
N ASP B 432 8.66 28.09 64.51
CA ASP B 432 8.73 28.47 65.95
C ASP B 432 9.56 29.76 66.07
N GLY C 3 -6.93 -18.61 -6.41
CA GLY C 3 -7.90 -17.60 -6.04
C GLY C 3 -8.23 -17.73 -4.57
N ASP C 4 -9.29 -17.04 -4.16
CA ASP C 4 -9.73 -17.13 -2.75
C ASP C 4 -10.32 -18.52 -2.51
N TRP C 5 -9.49 -19.55 -2.53
CA TRP C 5 -9.99 -20.93 -2.23
C TRP C 5 -9.10 -21.59 -1.19
N PRO C 6 -9.59 -22.61 -0.47
CA PRO C 6 -8.74 -23.38 0.44
C PRO C 6 -7.66 -24.16 -0.33
N CYS C 7 -6.39 -24.14 0.13
CA CYS C 7 -5.35 -24.92 -0.52
C CYS C 7 -5.61 -26.42 -0.34
#